data_3NMZ
#
_entry.id   3NMZ
#
_cell.length_a   163.175
_cell.length_b   163.175
_cell.length_c   242.593
_cell.angle_alpha   90.000
_cell.angle_beta   90.000
_cell.angle_gamma   120.000
#
_symmetry.space_group_name_H-M   'H 3'
#
loop_
_entity.id
_entity.type
_entity.pdbx_description
1 polymer 'APC variant protein'
2 polymer 'Rho guanine nucleotide exchange factor 4'
3 water water
#
loop_
_entity_poly.entity_id
_entity_poly.type
_entity_poly.pdbx_seq_one_letter_code
_entity_poly.pdbx_strand_id
1 'polypeptide(L)'
;MGSSHHHHHHSSGLVPRGSHMRLTSHLGTKVEMVYSLLSMLGTHDKDDMSRTLLAMSSSQDSCISMRQSGCLPLLIQLLH
GNDKDSVLLGNSRGSKEARARASAALHNIIHSQPDDKRGRREIRVLHLLEQIRAYCETCWEWQEAHEPGMDQDKNPMPAP
VEHQICPAVCVLMKLSFDEEHRHAMNELGGLQAIAELLQVDCEMYGLTNDHYSITLRRYAGMALTNLTFGDVANKATLCS
MKGCMRALVAQLKSESEDLQQVIASVLRNLSWRADVNSKKTLREVGSVKALMECALEVKKESTLKSVLSALWNLSAHCTE
NKADICAVDGALAFLVGTLTYRSQTNTLAIIESGGGILRNVSSLIATNEDHRQILRENNCLQTLLQHLKSHSLTIVSNAC
GTLWNLSARNPKDQEALWDMGAVSMLKNLIHSKHKMIAMGSAAALRNLMANRPAKYKD
;
A,B
2 'polypeptide(L)'
;MGHHHHHHMSSSHHYSHPGGGGEQLAINELISDGSVVCAEALWDHVTMDDQELGFKAGDVIEVMDATNREWWWGRVADGE
GWFPASFVRLRVNQDEPADDDAPLAGNSGAEDGGAE
;
D,C
#
# COMPACT_ATOMS: atom_id res chain seq x y z
N ASP A 45 13.58 28.05 16.61
CA ASP A 45 14.00 28.36 18.00
C ASP A 45 14.92 27.28 18.58
N LYS A 46 14.44 26.04 18.59
CA LYS A 46 15.16 24.92 19.19
C LYS A 46 16.26 24.36 18.27
N ASP A 47 17.30 25.17 18.08
CA ASP A 47 18.47 24.80 17.28
C ASP A 47 19.32 23.77 18.00
N ASP A 48 19.37 23.88 19.33
CA ASP A 48 20.17 23.00 20.19
C ASP A 48 19.93 21.51 19.91
N MET A 49 18.71 21.18 19.52
CA MET A 49 18.37 19.82 19.11
C MET A 49 19.11 19.45 17.83
N SER A 50 19.03 20.32 16.83
CA SER A 50 19.76 20.15 15.58
C SER A 50 21.26 20.12 15.86
N ARG A 51 21.68 20.98 16.77
CA ARG A 51 23.08 21.10 17.19
C ARG A 51 23.62 19.78 17.76
N THR A 52 22.83 19.14 18.62
CA THR A 52 23.27 17.90 19.28
C THR A 52 23.28 16.68 18.35
N LEU A 53 22.38 16.68 17.38
CA LEU A 53 22.26 15.55 16.44
C LEU A 53 23.45 15.44 15.50
N LEU A 54 24.00 16.60 15.12
CA LEU A 54 25.23 16.67 14.33
C LEU A 54 26.42 16.15 15.13
N ALA A 55 26.43 16.47 16.41
CA ALA A 55 27.51 16.07 17.33
C ALA A 55 27.51 14.56 17.58
N MET A 56 26.34 13.94 17.55
CA MET A 56 26.22 12.50 17.68
C MET A 56 26.59 11.82 16.36
N SER A 57 26.34 12.52 15.26
CA SER A 57 26.72 12.06 13.92
C SER A 57 28.23 12.16 13.70
N SER A 58 28.89 12.93 14.56
CA SER A 58 30.33 13.16 14.49
C SER A 58 31.14 11.86 14.57
N SER A 59 30.78 11.01 15.52
CA SER A 59 31.42 9.69 15.67
C SER A 59 31.00 8.73 14.55
N GLN A 60 31.99 8.11 13.93
CA GLN A 60 31.83 7.40 12.66
C GLN A 60 30.88 6.19 12.68
N ASP A 61 30.77 5.52 13.83
CA ASP A 61 29.92 4.32 13.93
C ASP A 61 28.70 4.48 14.84
N SER A 62 28.59 5.62 15.52
CA SER A 62 27.43 5.88 16.36
C SER A 62 26.23 6.36 15.54
N CYS A 63 26.44 6.51 14.24
CA CYS A 63 25.36 6.87 13.31
C CYS A 63 24.39 5.71 13.11
N ILE A 64 24.91 4.48 13.23
CA ILE A 64 24.11 3.28 13.05
C ILE A 64 23.04 3.17 14.12
N SER A 65 23.45 3.38 15.38
CA SER A 65 22.55 3.31 16.53
C SER A 65 21.54 4.45 16.55
N MET A 66 21.85 5.54 15.87
CA MET A 66 20.95 6.70 15.78
C MET A 66 19.72 6.39 14.93
N ARG A 67 19.95 5.93 13.71
CA ARG A 67 18.86 5.49 12.84
C ARG A 67 18.03 4.45 13.57
N GLN A 68 18.73 3.56 14.28
CA GLN A 68 18.15 2.50 15.08
C GLN A 68 17.32 3.07 16.23
N SER A 69 17.80 4.17 16.81
CA SER A 69 17.11 4.86 17.90
C SER A 69 15.99 5.75 17.35
N GLY A 70 15.93 5.86 16.02
CA GLY A 70 14.84 6.58 15.35
C GLY A 70 15.11 8.06 15.19
N CYS A 71 16.13 8.38 14.42
CA CYS A 71 16.55 9.76 14.24
C CYS A 71 16.16 10.33 12.88
N LEU A 72 16.04 9.47 11.87
CA LEU A 72 15.67 9.91 10.52
C LEU A 72 14.37 10.72 10.45
N PRO A 73 13.31 10.29 11.17
CA PRO A 73 12.11 11.12 11.17
C PRO A 73 12.36 12.46 11.85
N LEU A 74 13.10 12.43 12.97
CA LEU A 74 13.44 13.64 13.72
C LEU A 74 14.25 14.60 12.86
N LEU A 75 15.16 14.06 12.06
CA LEU A 75 16.00 14.85 11.16
C LEU A 75 15.19 15.47 10.03
N ILE A 76 14.21 14.73 9.53
CA ILE A 76 13.36 15.21 8.44
C ILE A 76 12.41 16.31 8.93
N GLN A 77 11.99 16.22 10.19
CA GLN A 77 11.12 17.22 10.80
C GLN A 77 11.81 18.57 10.88
N LEU A 78 13.09 18.56 11.25
CA LEU A 78 13.90 19.77 11.29
C LEU A 78 14.05 20.38 9.89
N LEU A 79 13.98 19.53 8.88
CA LEU A 79 14.09 19.95 7.49
C LEU A 79 12.76 20.41 6.91
N HIS A 80 11.67 19.79 7.33
CA HIS A 80 10.35 20.03 6.74
C HIS A 80 9.23 20.20 7.76
N GLY A 81 9.08 19.22 8.65
CA GLY A 81 8.15 19.33 9.79
C GLY A 81 6.67 19.28 9.46
N ASN A 82 6.26 18.24 8.74
CA ASN A 82 4.86 18.05 8.31
C ASN A 82 3.83 17.92 9.43
N ASP A 83 4.21 17.20 10.49
CA ASP A 83 3.27 16.80 11.56
C ASP A 83 2.43 17.94 12.14
N LYS A 84 2.95 19.17 12.05
CA LYS A 84 2.33 20.33 12.66
C LYS A 84 0.95 20.68 12.08
N ASP A 85 0.11 21.24 12.95
CA ASP A 85 -1.24 21.67 12.58
C ASP A 85 -1.30 23.20 12.53
N SER A 86 -2.11 23.72 11.60
CA SER A 86 -2.34 25.15 11.47
C SER A 86 -2.87 25.73 12.78
N VAL A 87 -2.25 26.83 13.23
CA VAL A 87 -2.54 27.48 14.52
C VAL A 87 -2.43 26.46 15.69
N LEU A 88 -1.21 25.98 15.91
CA LEU A 88 -0.91 24.88 16.85
C LEU A 88 -1.70 23.62 16.54
N SER A 92 7.65 23.89 13.48
CA SER A 92 8.38 22.64 13.74
C SER A 92 9.61 22.46 12.84
N ARG A 93 9.72 23.29 11.81
CA ARG A 93 10.90 23.33 10.95
C ARG A 93 11.95 24.20 11.61
N GLY A 94 13.23 23.88 11.41
CA GLY A 94 14.32 24.66 11.97
C GLY A 94 14.85 25.73 11.03
N SER A 95 15.69 26.63 11.54
CA SER A 95 16.29 27.69 10.72
C SER A 95 17.30 27.09 9.74
N LYS A 96 17.63 27.83 8.69
CA LYS A 96 18.57 27.33 7.66
C LYS A 96 19.92 26.93 8.27
N GLU A 97 20.30 27.63 9.32
CA GLU A 97 21.49 27.32 10.12
C GLU A 97 21.35 25.91 10.69
N ALA A 98 20.19 25.63 11.29
CA ALA A 98 19.88 24.33 11.86
C ALA A 98 19.56 23.29 10.80
N ARG A 99 19.07 23.73 9.65
CA ARG A 99 18.76 22.84 8.53
C ARG A 99 20.02 22.35 7.83
N ALA A 100 21.04 23.20 7.80
CA ALA A 100 22.34 22.83 7.23
C ALA A 100 23.07 21.86 8.15
N ARG A 101 22.78 21.94 9.45
CA ARG A 101 23.30 20.97 10.42
C ARG A 101 22.61 19.63 10.25
N ALA A 102 21.28 19.65 10.12
CA ALA A 102 20.48 18.44 10.04
C ALA A 102 20.72 17.64 8.75
N SER A 103 20.72 18.33 7.60
CA SER A 103 20.93 17.69 6.30
C SER A 103 22.32 17.08 6.20
N ALA A 104 23.27 17.67 6.90
CA ALA A 104 24.63 17.14 6.99
C ALA A 104 24.67 15.89 7.87
N ALA A 105 23.92 15.91 8.96
CA ALA A 105 23.82 14.77 9.87
C ALA A 105 23.14 13.59 9.21
N LEU A 106 22.11 13.88 8.40
CA LEU A 106 21.48 12.89 7.54
C LEU A 106 22.50 12.22 6.62
N HIS A 107 23.32 13.04 5.98
CA HIS A 107 24.34 12.57 5.05
C HIS A 107 25.29 11.59 5.71
N ASN A 108 25.58 11.81 6.99
CA ASN A 108 26.49 10.94 7.73
C ASN A 108 25.89 9.59 8.13
N ILE A 109 24.62 9.60 8.55
CA ILE A 109 23.94 8.36 8.94
C ILE A 109 23.75 7.45 7.74
N ILE A 110 23.29 8.02 6.62
CA ILE A 110 23.07 7.28 5.39
C ILE A 110 24.36 6.73 4.79
N HIS A 111 25.43 7.51 4.86
CA HIS A 111 26.73 7.11 4.32
C HIS A 111 27.52 6.18 5.25
N SER A 112 27.08 6.04 6.49
CA SER A 112 27.78 5.21 7.47
C SER A 112 27.51 3.71 7.28
N GLN A 113 26.35 3.39 6.70
CA GLN A 113 25.96 2.01 6.47
C GLN A 113 26.82 1.37 5.37
N PRO A 114 26.90 0.02 5.34
CA PRO A 114 27.68 -0.67 4.32
C PRO A 114 27.10 -0.54 2.91
N ASP A 115 27.75 -1.18 1.94
CA ASP A 115 27.30 -1.16 0.54
C ASP A 115 26.09 -2.05 0.31
N ASP A 116 25.23 -2.15 1.32
CA ASP A 116 23.96 -2.84 1.23
C ASP A 116 23.10 -2.18 0.15
N LYS A 117 22.26 -2.98 -0.52
CA LYS A 117 21.39 -2.48 -1.61
C LYS A 117 20.64 -1.21 -1.21
N ARG A 118 20.18 -1.16 0.04
CA ARG A 118 19.58 0.05 0.60
C ARG A 118 20.55 1.22 0.57
N GLY A 119 21.80 0.97 0.97
CA GLY A 119 22.87 1.97 0.96
C GLY A 119 23.05 2.61 -0.40
N ARG A 120 23.32 1.78 -1.41
CA ARG A 120 23.46 2.25 -2.80
C ARG A 120 22.24 3.07 -3.24
N ARG A 121 21.06 2.64 -2.80
CA ARG A 121 19.81 3.33 -3.11
C ARG A 121 19.67 4.68 -2.39
N GLU A 122 19.89 4.68 -1.07
CA GLU A 122 19.71 5.87 -0.25
C GLU A 122 20.75 6.95 -0.54
N ILE A 123 21.99 6.54 -0.80
CA ILE A 123 23.06 7.47 -1.18
C ILE A 123 22.71 8.15 -2.51
N ARG A 124 22.31 7.35 -3.49
CA ARG A 124 21.94 7.84 -4.82
C ARG A 124 20.80 8.86 -4.73
N VAL A 125 19.79 8.52 -3.93
CA VAL A 125 18.60 9.37 -3.75
C VAL A 125 18.91 10.62 -2.94
N LEU A 126 19.52 10.44 -1.77
CA LEU A 126 19.86 11.56 -0.90
C LEU A 126 20.71 12.60 -1.63
N HIS A 127 21.70 12.13 -2.40
CA HIS A 127 22.53 13.01 -3.23
C HIS A 127 21.66 13.93 -4.09
N LEU A 128 20.66 13.34 -4.75
CA LEU A 128 19.73 14.07 -5.60
C LEU A 128 18.83 14.99 -4.78
N LEU A 129 18.46 14.55 -3.59
CA LEU A 129 17.65 15.36 -2.69
C LEU A 129 18.44 16.53 -2.12
N GLU A 130 19.74 16.31 -1.90
CA GLU A 130 20.63 17.36 -1.42
C GLU A 130 20.81 18.47 -2.46
N GLN A 131 20.88 18.09 -3.73
CA GLN A 131 20.96 19.04 -4.85
C GLN A 131 19.74 19.95 -4.82
N ILE A 132 18.57 19.34 -4.63
CA ILE A 132 17.29 20.05 -4.59
C ILE A 132 17.19 20.99 -3.39
N ARG A 133 17.50 20.46 -2.21
CA ARG A 133 17.42 21.24 -0.98
C ARG A 133 18.34 22.45 -1.00
N ALA A 134 19.54 22.27 -1.58
CA ALA A 134 20.51 23.35 -1.72
C ALA A 134 20.02 24.45 -2.66
N TYR A 135 19.32 24.06 -3.72
CA TYR A 135 18.78 25.00 -4.70
C TYR A 135 17.62 25.81 -4.13
N CYS A 136 16.75 25.15 -3.36
CA CYS A 136 15.63 25.83 -2.70
C CYS A 136 16.12 26.83 -1.66
N GLU A 137 17.20 26.48 -0.97
CA GLU A 137 17.84 27.38 -0.03
C GLU A 137 18.34 28.64 -0.72
N THR A 138 18.84 28.48 -1.95
CA THR A 138 19.27 29.61 -2.79
C THR A 138 18.05 30.47 -3.13
N CYS A 139 16.91 29.81 -3.37
CA CYS A 139 15.68 30.49 -3.70
C CYS A 139 15.13 31.31 -2.54
N TRP A 140 14.99 30.70 -1.37
CA TRP A 140 14.48 31.39 -0.19
C TRP A 140 15.44 32.49 0.25
N GLU A 141 16.73 32.33 -0.06
CA GLU A 141 17.73 33.35 0.21
C GLU A 141 17.58 34.53 -0.74
N TRP A 142 17.05 34.27 -1.93
CA TRP A 142 16.74 35.33 -2.89
C TRP A 142 15.32 35.83 -2.72
N GLN A 143 14.39 34.91 -2.51
CA GLN A 143 12.98 35.24 -2.27
C GLN A 143 12.87 36.17 -1.07
N GLU A 144 13.51 35.77 0.02
CA GLU A 144 13.68 36.64 1.18
C GLU A 144 14.87 37.55 0.90
N ALA A 145 14.87 38.74 1.51
CA ALA A 145 15.93 39.74 1.32
C ALA A 145 15.93 40.42 -0.06
N HIS A 146 14.98 40.02 -0.92
CA HIS A 146 14.86 40.61 -2.24
C HIS A 146 13.43 41.10 -2.52
N GLU A 147 12.47 40.51 -1.81
CA GLU A 147 11.05 40.85 -1.97
C GLU A 147 10.52 41.84 -0.91
N PRO A 148 10.90 41.66 0.38
CA PRO A 148 10.38 42.54 1.44
C PRO A 148 10.84 44.01 1.35
N GLY A 149 10.49 44.80 2.37
CA GLY A 149 10.75 46.23 2.39
C GLY A 149 12.19 46.68 2.52
N MET A 150 13.12 45.73 2.69
CA MET A 150 14.54 46.05 2.83
C MET A 150 15.20 46.45 1.52
N ASP A 151 16.40 47.03 1.63
CA ASP A 151 17.15 47.53 0.47
C ASP A 151 17.78 46.40 -0.31
N GLN A 152 17.34 46.22 -1.55
CA GLN A 152 17.80 45.14 -2.42
C GLN A 152 18.89 45.60 -3.38
N ASP A 153 19.99 46.11 -2.81
CA ASP A 153 21.18 46.47 -3.58
C ASP A 153 22.36 45.61 -3.18
N LYS A 154 22.17 44.29 -3.26
CA LYS A 154 23.17 43.31 -2.87
C LYS A 154 23.23 42.13 -3.85
N ASN A 155 24.43 41.82 -4.33
CA ASN A 155 24.65 40.77 -5.32
C ASN A 155 24.38 39.36 -4.78
N PRO A 156 23.48 38.62 -5.46
CA PRO A 156 23.13 37.25 -5.07
C PRO A 156 24.25 36.26 -5.36
N ALA A 159 20.18 35.71 -8.71
CA ALA A 159 19.03 34.85 -8.99
C ALA A 159 19.46 33.42 -9.31
N PRO A 160 18.77 32.42 -8.74
CA PRO A 160 19.09 31.01 -8.99
C PRO A 160 18.73 30.58 -10.41
N VAL A 161 19.67 29.90 -11.07
CA VAL A 161 19.46 29.40 -12.43
C VAL A 161 18.66 28.10 -12.39
N GLU A 162 17.53 28.12 -13.09
CA GLU A 162 16.59 27.00 -13.11
C GLU A 162 17.10 25.82 -13.94
N HIS A 163 18.15 26.06 -14.71
CA HIS A 163 18.63 25.08 -15.68
C HIS A 163 19.29 23.85 -15.04
N GLN A 164 20.02 24.07 -13.96
CA GLN A 164 20.84 23.02 -13.35
C GLN A 164 20.05 21.93 -12.65
N ILE A 165 18.87 22.30 -12.14
CA ILE A 165 18.08 21.41 -11.29
C ILE A 165 17.14 20.46 -12.08
N CYS A 166 16.95 20.74 -13.37
CA CYS A 166 16.10 19.90 -14.22
C CYS A 166 16.58 18.44 -14.38
N PRO A 167 17.88 18.21 -14.66
CA PRO A 167 18.34 16.82 -14.69
C PRO A 167 18.27 16.13 -13.33
N ALA A 168 18.24 16.93 -12.25
CA ALA A 168 18.20 16.41 -10.88
C ALA A 168 16.84 15.82 -10.54
N VAL A 169 15.76 16.54 -10.87
CA VAL A 169 14.40 16.02 -10.69
C VAL A 169 14.12 14.88 -11.66
N CYS A 170 14.65 15.01 -12.86
CA CYS A 170 14.48 14.02 -13.93
C CYS A 170 14.77 12.61 -13.42
N VAL A 171 15.92 12.45 -12.76
CA VAL A 171 16.34 11.18 -12.22
C VAL A 171 15.39 10.72 -11.11
N LEU A 172 15.06 11.63 -10.20
CA LEU A 172 14.16 11.33 -9.08
C LEU A 172 12.80 10.84 -9.56
N MET A 173 12.25 11.54 -10.54
CA MET A 173 10.98 11.19 -11.16
C MET A 173 11.06 9.80 -11.81
N LYS A 174 12.14 9.53 -12.52
CA LYS A 174 12.35 8.24 -13.17
C LYS A 174 12.53 7.10 -12.17
N LEU A 175 13.19 7.40 -11.05
CA LEU A 175 13.41 6.42 -9.99
C LEU A 175 12.15 6.19 -9.15
N SER A 176 11.23 7.15 -9.16
CA SER A 176 10.00 7.04 -8.40
C SER A 176 9.00 6.07 -9.02
N PHE A 177 9.36 5.51 -10.18
CA PHE A 177 8.48 4.58 -10.87
C PHE A 177 8.57 3.13 -10.36
N ASP A 178 9.52 2.86 -9.46
CA ASP A 178 9.55 1.56 -8.79
C ASP A 178 9.52 1.69 -7.26
N GLU A 179 8.71 0.84 -6.63
CA GLU A 179 8.45 0.86 -5.19
C GLU A 179 9.72 1.03 -4.35
N GLU A 180 10.75 0.30 -4.71
CA GLU A 180 12.01 0.23 -3.96
C GLU A 180 12.63 1.61 -3.71
N HIS A 181 12.64 2.46 -4.73
CA HIS A 181 13.21 3.80 -4.60
C HIS A 181 12.24 4.76 -3.91
N ARG A 182 10.94 4.52 -4.08
CA ARG A 182 9.91 5.30 -3.42
C ARG A 182 10.01 5.16 -1.90
N HIS A 183 10.18 3.93 -1.43
CA HIS A 183 10.33 3.67 0.00
C HIS A 183 11.59 4.36 0.54
N ALA A 184 12.64 4.39 -0.28
CA ALA A 184 13.89 5.05 0.06
C ALA A 184 13.67 6.56 0.14
N MET A 185 12.94 7.10 -0.83
CA MET A 185 12.59 8.52 -0.85
C MET A 185 11.75 8.91 0.37
N ASN A 186 10.82 8.03 0.76
CA ASN A 186 9.94 8.29 1.89
C ASN A 186 10.65 8.24 3.24
N GLU A 187 11.78 7.54 3.29
CA GLU A 187 12.62 7.52 4.49
C GLU A 187 13.48 8.77 4.57
N LEU A 188 13.62 9.46 3.45
CA LEU A 188 14.48 10.64 3.36
C LEU A 188 13.72 11.96 3.11
N GLY A 189 12.40 11.91 3.24
CA GLY A 189 11.55 13.09 3.07
C GLY A 189 11.56 13.65 1.66
N GLY A 190 11.61 12.75 0.68
CA GLY A 190 11.66 13.12 -0.73
C GLY A 190 10.45 13.91 -1.18
N LEU A 191 9.25 13.37 -0.93
CA LEU A 191 8.00 14.04 -1.28
C LEU A 191 8.07 15.53 -0.95
N GLN A 192 8.36 15.83 0.31
CA GLN A 192 8.43 17.18 0.83
C GLN A 192 9.41 18.02 0.04
N ALA A 193 10.66 17.59 -0.04
CA ALA A 193 11.71 18.31 -0.77
C ALA A 193 11.30 18.60 -2.22
N ILE A 194 10.73 17.59 -2.88
CA ILE A 194 10.24 17.73 -4.26
C ILE A 194 9.10 18.75 -4.33
N ALA A 195 8.14 18.63 -3.42
CA ALA A 195 7.00 19.54 -3.36
C ALA A 195 7.45 20.99 -3.14
N GLU A 196 8.31 21.18 -2.13
CA GLU A 196 8.81 22.50 -1.76
C GLU A 196 9.49 23.20 -2.94
N LEU A 197 10.12 22.40 -3.78
CA LEU A 197 10.74 22.89 -5.01
C LEU A 197 9.70 23.43 -5.98
N LEU A 198 8.69 22.60 -6.29
CA LEU A 198 7.61 23.01 -7.19
C LEU A 198 6.92 24.29 -6.71
N GLN A 199 6.61 24.35 -5.41
CA GLN A 199 5.98 25.51 -4.81
C GLN A 199 6.83 26.76 -4.96
N VAL A 200 8.08 26.69 -4.51
CA VAL A 200 8.97 27.85 -4.53
C VAL A 200 9.21 28.35 -5.96
N ASP A 201 9.14 27.45 -6.93
CA ASP A 201 9.29 27.83 -8.33
C ASP A 201 8.06 28.54 -8.84
N CYS A 202 6.88 28.04 -8.45
CA CYS A 202 5.61 28.67 -8.81
C CYS A 202 5.46 30.03 -8.16
N GLU A 203 5.95 30.15 -6.92
CA GLU A 203 5.93 31.42 -6.19
C GLU A 203 6.88 32.45 -6.78
N MET A 204 7.86 31.98 -7.56
CA MET A 204 8.81 32.88 -8.24
C MET A 204 8.33 33.30 -9.63
N TYR A 205 8.08 32.34 -10.51
CA TYR A 205 7.59 32.63 -11.85
C TYR A 205 6.20 32.02 -12.05
N GLY A 206 5.17 32.78 -11.68
CA GLY A 206 3.80 32.30 -11.78
C GLY A 206 3.29 32.26 -13.21
N LEU A 207 2.96 31.05 -13.68
CA LEU A 207 2.40 30.84 -15.01
C LEU A 207 3.34 31.37 -16.09
N THR A 208 4.57 30.85 -16.10
CA THR A 208 5.68 31.43 -16.88
C THR A 208 5.69 31.11 -18.37
N ASN A 209 5.24 29.90 -18.74
CA ASN A 209 5.22 29.46 -20.16
C ASN A 209 6.63 29.41 -20.80
N ASP A 210 7.64 29.22 -19.96
CA ASP A 210 9.02 29.04 -20.40
C ASP A 210 9.34 27.55 -20.44
N HIS A 211 9.97 27.11 -21.52
CA HIS A 211 10.19 25.67 -21.73
C HIS A 211 10.99 24.97 -20.63
N TYR A 212 12.06 25.63 -20.16
CA TYR A 212 12.93 25.06 -19.13
C TYR A 212 12.23 24.99 -17.79
N SER A 213 11.33 25.93 -17.55
CA SER A 213 10.56 25.99 -16.30
C SER A 213 9.39 25.01 -16.30
N ILE A 214 8.74 24.86 -17.46
CA ILE A 214 7.66 23.88 -17.63
C ILE A 214 8.16 22.46 -17.39
N THR A 215 9.30 22.14 -17.98
CA THR A 215 9.92 20.82 -17.82
C THR A 215 10.16 20.49 -16.34
N LEU A 216 10.71 21.45 -15.60
CA LEU A 216 10.93 21.29 -14.17
C LEU A 216 9.64 20.96 -13.42
N ARG A 217 8.60 21.77 -13.64
CA ARG A 217 7.33 21.60 -12.95
C ARG A 217 6.66 20.28 -13.32
N ARG A 218 6.81 19.87 -14.58
CA ARG A 218 6.31 18.58 -15.05
C ARG A 218 6.98 17.41 -14.34
N TYR A 219 8.30 17.52 -14.19
CA TYR A 219 9.11 16.45 -13.61
C TYR A 219 8.83 16.26 -12.13
N ALA A 220 8.81 17.37 -11.39
CA ALA A 220 8.49 17.35 -9.97
C ALA A 220 7.08 16.82 -9.73
N GLY A 221 6.13 17.30 -10.51
CA GLY A 221 4.72 16.90 -10.41
C GLY A 221 4.53 15.40 -10.59
N MET A 222 5.20 14.84 -11.58
CA MET A 222 5.16 13.40 -11.83
C MET A 222 5.72 12.64 -10.63
N ALA A 223 6.79 13.16 -10.03
CA ALA A 223 7.39 12.57 -8.84
C ALA A 223 6.43 12.58 -7.67
N LEU A 224 5.66 13.67 -7.54
CA LEU A 224 4.62 13.78 -6.52
C LEU A 224 3.48 12.80 -6.79
N THR A 225 3.18 12.57 -8.07
CA THR A 225 2.15 11.62 -8.48
C THR A 225 2.50 10.21 -8.01
N ASN A 226 3.70 9.76 -8.38
CA ASN A 226 4.17 8.41 -8.02
C ASN A 226 4.26 8.22 -6.51
N LEU A 227 4.76 9.23 -5.81
CA LEU A 227 4.96 9.15 -4.36
C LEU A 227 3.65 9.22 -3.57
N THR A 228 2.61 9.77 -4.19
CA THR A 228 1.28 9.80 -3.59
C THR A 228 0.52 8.50 -3.86
N PHE A 229 0.74 7.93 -5.06
CA PHE A 229 0.09 6.69 -5.47
C PHE A 229 0.14 5.61 -4.38
N GLY A 230 -1.04 5.24 -3.88
CA GLY A 230 -1.19 4.19 -2.88
C GLY A 230 -0.49 4.46 -1.56
N ASP A 231 -0.15 5.73 -1.32
CA ASP A 231 0.54 6.13 -0.10
C ASP A 231 -0.33 7.06 0.73
N VAL A 232 -1.07 6.48 1.66
CA VAL A 232 -1.98 7.22 2.55
C VAL A 232 -1.27 8.39 3.25
N ALA A 233 -0.14 8.08 3.88
CA ALA A 233 0.62 9.06 4.64
C ALA A 233 1.10 10.23 3.79
N ASN A 234 1.56 9.94 2.57
CA ASN A 234 2.05 10.96 1.65
C ASN A 234 0.96 11.89 1.13
N LYS A 235 -0.18 11.32 0.77
CA LYS A 235 -1.34 12.09 0.32
C LYS A 235 -1.72 13.16 1.32
N ALA A 236 -1.77 12.78 2.60
CA ALA A 236 -2.13 13.71 3.67
C ALA A 236 -1.08 14.79 3.86
N THR A 237 0.19 14.44 3.70
CA THR A 237 1.29 15.39 3.84
C THR A 237 1.22 16.47 2.76
N LEU A 238 1.12 16.06 1.50
CA LEU A 238 1.02 16.99 0.40
C LEU A 238 -0.17 17.94 0.54
N CYS A 239 -1.28 17.42 1.05
CA CYS A 239 -2.47 18.23 1.32
C CYS A 239 -2.26 19.23 2.45
N SER A 240 -1.35 18.92 3.37
CA SER A 240 -1.03 19.82 4.47
C SER A 240 -0.18 21.00 3.99
N MET A 241 0.46 20.85 2.83
CA MET A 241 1.24 21.92 2.22
C MET A 241 0.34 22.88 1.45
N LYS A 242 -0.43 23.67 2.22
CA LYS A 242 -1.42 24.60 1.68
C LYS A 242 -0.86 25.49 0.59
N GLY A 243 0.35 26.02 0.82
CA GLY A 243 1.05 26.86 -0.15
C GLY A 243 1.30 26.12 -1.45
N CYS A 244 1.87 24.92 -1.32
CA CYS A 244 2.18 24.08 -2.47
C CYS A 244 0.91 23.60 -3.17
N MET A 245 -0.16 23.41 -2.40
CA MET A 245 -1.45 22.98 -2.94
C MET A 245 -2.06 24.06 -3.82
N ARG A 246 -1.98 25.31 -3.37
CA ARG A 246 -2.42 26.46 -4.16
C ARG A 246 -1.54 26.64 -5.40
N ALA A 247 -0.25 26.35 -5.25
CA ALA A 247 0.71 26.43 -6.34
C ALA A 247 0.38 25.46 -7.47
N LEU A 248 -0.03 24.24 -7.10
CA LEU A 248 -0.39 23.20 -8.06
C LEU A 248 -1.67 23.55 -8.82
N VAL A 249 -2.71 23.89 -8.08
CA VAL A 249 -4.01 24.25 -8.65
C VAL A 249 -3.86 25.42 -9.62
N ALA A 250 -3.08 26.42 -9.22
CA ALA A 250 -2.78 27.58 -10.05
C ALA A 250 -2.19 27.17 -11.41
N GLN A 251 -1.48 26.05 -11.43
CA GLN A 251 -0.81 25.59 -12.65
C GLN A 251 -1.77 25.07 -13.72
N LEU A 252 -3.04 24.86 -13.36
CA LEU A 252 -4.05 24.39 -14.32
C LEU A 252 -4.43 25.49 -15.32
N LYS A 253 -4.05 26.73 -15.04
CA LYS A 253 -4.27 27.85 -15.95
C LYS A 253 -3.22 27.88 -17.05
N SER A 254 -2.20 27.03 -16.92
CA SER A 254 -1.09 26.96 -17.88
C SER A 254 -1.56 26.52 -19.25
N GLU A 255 -0.90 27.05 -20.29
CA GLU A 255 -1.22 26.66 -21.66
C GLU A 255 -0.28 25.56 -22.19
N SER A 256 0.28 24.80 -21.26
CA SER A 256 0.99 23.56 -21.57
C SER A 256 0.14 22.39 -21.08
N GLU A 257 -0.60 21.78 -22.01
CA GLU A 257 -1.52 20.70 -21.66
C GLU A 257 -0.83 19.47 -21.07
N ASP A 258 0.47 19.32 -21.35
CA ASP A 258 1.27 18.27 -20.74
C ASP A 258 1.37 18.48 -19.22
N LEU A 259 1.67 19.71 -18.82
CA LEU A 259 1.75 20.07 -17.40
C LEU A 259 0.37 20.02 -16.74
N GLN A 260 -0.65 20.47 -17.46
CA GLN A 260 -2.04 20.38 -16.98
C GLN A 260 -2.37 18.93 -16.65
N GLN A 261 -1.99 18.03 -17.55
CA GLN A 261 -2.16 16.59 -17.32
C GLN A 261 -1.41 16.14 -16.08
N VAL A 262 -0.17 16.59 -15.92
CA VAL A 262 0.66 16.25 -14.76
C VAL A 262 0.00 16.70 -13.46
N ILE A 263 -0.59 17.90 -13.46
CA ILE A 263 -1.28 18.42 -12.27
C ILE A 263 -2.53 17.60 -11.94
N ALA A 264 -3.36 17.33 -12.95
CA ALA A 264 -4.59 16.55 -12.78
C ALA A 264 -4.30 15.18 -12.18
N SER A 265 -3.16 14.59 -12.55
CA SER A 265 -2.75 13.29 -12.05
C SER A 265 -2.40 13.32 -10.56
N VAL A 266 -1.79 14.41 -10.12
CA VAL A 266 -1.50 14.61 -8.70
C VAL A 266 -2.81 14.73 -7.94
N LEU A 267 -3.67 15.63 -8.41
CA LEU A 267 -4.97 15.87 -7.79
C LEU A 267 -5.85 14.62 -7.80
N ARG A 268 -5.77 13.84 -8.88
CA ARG A 268 -6.53 12.58 -8.98
C ARG A 268 -6.12 11.61 -7.87
N ASN A 269 -4.82 11.38 -7.72
CA ASN A 269 -4.30 10.51 -6.67
C ASN A 269 -4.71 10.99 -5.29
N LEU A 270 -4.63 12.30 -5.07
CA LEU A 270 -4.95 12.91 -3.79
C LEU A 270 -6.43 12.79 -3.43
N SER A 271 -7.29 12.78 -4.44
CA SER A 271 -8.73 12.71 -4.23
C SER A 271 -9.26 11.28 -4.14
N TRP A 272 -8.36 10.30 -4.24
CA TRP A 272 -8.72 8.89 -4.09
C TRP A 272 -8.42 8.40 -2.69
N ARG A 273 -9.48 8.01 -1.98
CA ARG A 273 -9.39 7.57 -0.58
C ARG A 273 -8.69 8.60 0.31
N ALA A 274 -9.07 9.87 0.13
CA ALA A 274 -8.53 10.95 0.93
C ALA A 274 -9.16 10.93 2.31
N ASP A 275 -8.36 11.21 3.33
CA ASP A 275 -8.88 11.34 4.68
C ASP A 275 -9.66 12.65 4.78
N VAL A 276 -10.33 12.84 5.93
CA VAL A 276 -11.22 13.98 6.15
C VAL A 276 -10.55 15.35 5.89
N ASN A 277 -9.30 15.49 6.33
CA ASN A 277 -8.53 16.72 6.12
C ASN A 277 -8.25 16.97 4.65
N SER A 278 -7.74 15.94 3.98
CA SER A 278 -7.35 16.03 2.57
C SER A 278 -8.53 16.45 1.71
N LYS A 279 -9.68 15.82 1.94
CA LYS A 279 -10.91 16.18 1.24
C LYS A 279 -11.24 17.65 1.49
N LYS A 280 -11.14 18.06 2.75
CA LYS A 280 -11.42 19.45 3.15
C LYS A 280 -10.48 20.44 2.46
N THR A 281 -9.20 20.07 2.36
CA THR A 281 -8.20 20.92 1.72
C THR A 281 -8.46 21.07 0.22
N LEU A 282 -8.72 19.95 -0.46
CA LEU A 282 -8.97 19.95 -1.90
C LEU A 282 -10.16 20.82 -2.29
N ARG A 283 -11.16 20.85 -1.42
CA ARG A 283 -12.35 21.68 -1.60
C ARG A 283 -12.01 23.17 -1.39
N GLU A 284 -11.21 23.44 -0.36
CA GLU A 284 -10.90 24.81 0.05
C GLU A 284 -10.00 25.57 -0.91
N VAL A 285 -9.21 24.84 -1.70
CA VAL A 285 -8.32 25.45 -2.68
C VAL A 285 -9.01 25.62 -4.03
N GLY A 286 -10.25 25.16 -4.12
CA GLY A 286 -11.05 25.28 -5.33
C GLY A 286 -10.52 24.45 -6.50
N SER A 287 -10.06 23.24 -6.20
CA SER A 287 -9.53 22.33 -7.21
C SER A 287 -10.62 21.83 -8.15
N VAL A 288 -11.84 21.70 -7.61
CA VAL A 288 -13.01 21.28 -8.38
C VAL A 288 -13.33 22.31 -9.46
N LYS A 289 -13.39 23.58 -9.05
CA LYS A 289 -13.68 24.69 -9.95
C LYS A 289 -12.59 24.83 -11.02
N ALA A 290 -11.33 24.71 -10.60
CA ALA A 290 -10.19 24.83 -11.51
C ALA A 290 -10.18 23.73 -12.56
N LEU A 291 -10.50 22.50 -12.14
CA LEU A 291 -10.48 21.34 -13.01
C LEU A 291 -11.60 21.33 -14.05
N MET A 292 -12.79 21.73 -13.62
CA MET A 292 -13.94 21.77 -14.53
C MET A 292 -13.79 22.91 -15.52
N GLU A 293 -13.14 23.98 -15.09
CA GLU A 293 -12.87 25.12 -15.95
C GLU A 293 -11.77 24.76 -16.95
N CYS A 294 -10.86 23.89 -16.52
CA CYS A 294 -9.80 23.38 -17.38
C CYS A 294 -10.33 22.47 -18.49
N ALA A 295 -11.24 21.57 -18.12
CA ALA A 295 -11.83 20.61 -19.05
C ALA A 295 -12.49 21.26 -20.27
N LEU A 296 -13.12 22.42 -20.06
CA LEU A 296 -13.81 23.14 -21.13
C LEU A 296 -12.85 23.75 -22.15
N GLU A 297 -11.58 23.84 -21.79
CA GLU A 297 -10.58 24.48 -22.66
C GLU A 297 -9.34 23.62 -22.89
N VAL A 298 -9.55 22.32 -23.15
CA VAL A 298 -8.44 21.43 -23.48
C VAL A 298 -8.65 20.73 -24.82
N LYS A 299 -7.60 20.73 -25.64
CA LYS A 299 -7.66 20.19 -27.00
C LYS A 299 -7.21 18.73 -27.04
N LYS A 300 -6.02 18.46 -26.47
CA LYS A 300 -5.45 17.12 -26.41
C LYS A 300 -6.28 16.23 -25.47
N GLU A 301 -6.71 15.09 -25.99
CA GLU A 301 -7.64 14.21 -25.28
C GLU A 301 -7.04 13.48 -24.08
N SER A 302 -5.75 13.16 -24.17
CA SER A 302 -5.02 12.52 -23.05
C SER A 302 -5.03 13.42 -21.82
N THR A 303 -4.91 14.72 -22.07
CA THR A 303 -5.02 15.74 -21.03
C THR A 303 -6.41 15.71 -20.43
N LEU A 304 -7.44 15.63 -21.28
CA LEU A 304 -8.81 15.54 -20.83
C LEU A 304 -9.07 14.28 -20.00
N LYS A 305 -8.49 13.16 -20.44
CA LYS A 305 -8.62 11.88 -19.77
C LYS A 305 -8.26 11.97 -18.29
N SER A 306 -7.15 12.65 -18.00
CA SER A 306 -6.64 12.79 -16.63
C SER A 306 -7.47 13.76 -15.79
N VAL A 307 -8.03 14.76 -16.45
CA VAL A 307 -8.80 15.80 -15.77
C VAL A 307 -10.14 15.26 -15.28
N LEU A 308 -10.95 14.73 -16.21
CA LEU A 308 -12.25 14.16 -15.87
C LEU A 308 -12.11 13.08 -14.81
N SER A 309 -11.02 12.33 -14.89
CA SER A 309 -10.72 11.26 -13.95
C SER A 309 -10.53 11.80 -12.53
N ALA A 310 -9.93 12.98 -12.44
CA ALA A 310 -9.75 13.65 -11.14
C ALA A 310 -11.07 14.20 -10.63
N LEU A 311 -11.87 14.77 -11.52
CA LEU A 311 -13.19 15.30 -11.15
C LEU A 311 -14.14 14.20 -10.69
N TRP A 312 -14.08 13.05 -11.35
CA TRP A 312 -14.88 11.89 -10.99
C TRP A 312 -14.64 11.48 -9.54
N ASN A 313 -13.38 11.50 -9.12
CA ASN A 313 -13.04 11.22 -7.73
C ASN A 313 -13.54 12.31 -6.78
N LEU A 314 -13.32 13.57 -7.15
CA LEU A 314 -13.70 14.71 -6.32
C LEU A 314 -15.21 14.85 -6.19
N SER A 315 -15.93 14.56 -7.27
CA SER A 315 -17.39 14.71 -7.32
C SER A 315 -18.12 13.88 -6.28
N ALA A 316 -17.53 12.75 -5.88
CA ALA A 316 -18.15 11.84 -4.92
C ALA A 316 -18.09 12.38 -3.48
N HIS A 317 -17.09 13.21 -3.21
CA HIS A 317 -16.76 13.65 -1.85
C HIS A 317 -17.93 14.28 -1.12
N CYS A 318 -18.51 15.36 -1.66
CA CYS A 318 -19.58 16.09 -0.99
C CYS A 318 -20.54 16.77 -1.97
N THR A 319 -21.66 17.25 -1.44
CA THR A 319 -22.65 18.00 -2.21
C THR A 319 -22.05 19.36 -2.63
N GLU A 320 -21.23 19.93 -1.76
CA GLU A 320 -20.60 21.22 -2.03
C GLU A 320 -19.73 21.15 -3.29
N ASN A 321 -18.97 20.07 -3.44
CA ASN A 321 -18.19 19.84 -4.64
C ASN A 321 -19.05 19.56 -5.87
N LYS A 322 -20.19 18.91 -5.64
CA LYS A 322 -21.15 18.66 -6.71
C LYS A 322 -21.77 19.95 -7.21
N ALA A 323 -22.05 20.87 -6.28
CA ALA A 323 -22.59 22.18 -6.59
C ALA A 323 -21.60 23.02 -7.40
N ASP A 324 -20.31 22.86 -7.09
CA ASP A 324 -19.25 23.60 -7.75
C ASP A 324 -19.14 23.26 -9.25
N ILE A 325 -19.40 22.01 -9.61
CA ILE A 325 -19.36 21.57 -11.01
C ILE A 325 -20.49 22.20 -11.82
N CYS A 326 -21.71 22.14 -11.29
CA CYS A 326 -22.90 22.65 -11.95
C CYS A 326 -22.90 24.18 -12.04
N ALA A 327 -22.15 24.83 -11.15
CA ALA A 327 -22.05 26.29 -11.12
C ALA A 327 -21.20 26.84 -12.26
N VAL A 328 -20.28 26.04 -12.79
CA VAL A 328 -19.46 26.44 -13.92
C VAL A 328 -20.33 26.45 -15.18
N ASP A 329 -20.30 27.58 -15.90
CA ASP A 329 -21.12 27.76 -17.09
C ASP A 329 -20.66 26.87 -18.24
N GLY A 330 -21.61 26.17 -18.84
CA GLY A 330 -21.34 25.29 -19.98
C GLY A 330 -20.75 23.95 -19.56
N ALA A 331 -20.53 23.79 -18.26
CA ALA A 331 -19.94 22.57 -17.70
C ALA A 331 -20.81 21.35 -17.93
N LEU A 332 -22.05 21.44 -17.48
CA LEU A 332 -23.02 20.35 -17.60
C LEU A 332 -23.18 19.95 -19.06
N ALA A 333 -23.41 20.94 -19.92
CA ALA A 333 -23.49 20.73 -21.37
C ALA A 333 -22.29 19.89 -21.85
N PHE A 334 -21.10 20.31 -21.45
CA PHE A 334 -19.87 19.61 -21.82
C PHE A 334 -19.84 18.18 -21.34
N LEU A 335 -20.23 17.96 -20.08
CA LEU A 335 -20.27 16.64 -19.49
C LEU A 335 -21.21 15.73 -20.28
N VAL A 336 -22.29 16.30 -20.80
CA VAL A 336 -23.22 15.53 -21.64
C VAL A 336 -22.53 15.16 -22.95
N GLY A 337 -21.73 16.08 -23.48
CA GLY A 337 -20.95 15.84 -24.70
C GLY A 337 -20.00 14.66 -24.61
N THR A 338 -19.47 14.43 -23.40
CA THR A 338 -18.54 13.32 -23.16
C THR A 338 -19.22 11.96 -23.30
N LEU A 339 -20.54 11.92 -23.09
CA LEU A 339 -21.32 10.68 -23.14
C LEU A 339 -21.28 10.01 -24.51
N THR A 340 -20.89 10.77 -25.52
CA THR A 340 -20.81 10.29 -26.90
C THR A 340 -19.43 10.54 -27.51
N TYR A 341 -18.44 10.83 -26.66
CA TYR A 341 -17.08 11.08 -27.12
C TYR A 341 -16.22 9.83 -27.06
N ARG A 342 -15.94 9.25 -28.22
CA ARG A 342 -15.09 8.07 -28.32
C ARG A 342 -13.63 8.47 -28.51
N SER A 343 -12.74 7.90 -27.69
CA SER A 343 -11.32 8.25 -27.68
C SER A 343 -10.50 7.45 -28.68
N GLN A 344 -9.26 7.89 -28.92
CA GLN A 344 -8.37 7.23 -29.86
C GLN A 344 -7.85 5.91 -29.30
N THR A 345 -7.26 5.98 -28.10
CA THR A 345 -6.81 4.80 -27.36
C THR A 345 -7.61 4.69 -26.08
N ASN A 346 -8.02 3.46 -25.74
CA ASN A 346 -9.01 3.21 -24.68
C ASN A 346 -10.31 3.92 -25.06
N THR A 347 -10.96 3.39 -26.09
CA THR A 347 -12.08 4.07 -26.76
C THR A 347 -13.24 4.51 -25.86
N LEU A 348 -13.40 3.84 -24.72
CA LEU A 348 -14.51 4.12 -23.80
C LEU A 348 -14.10 4.94 -22.57
N ALA A 349 -12.89 5.49 -22.61
CA ALA A 349 -12.33 6.20 -21.45
C ALA A 349 -13.14 7.41 -20.98
N ILE A 350 -13.39 8.35 -21.90
CA ILE A 350 -14.05 9.61 -21.56
C ILE A 350 -15.54 9.46 -21.29
N ILE A 351 -16.18 8.52 -21.98
CA ILE A 351 -17.60 8.21 -21.74
C ILE A 351 -17.78 7.68 -20.31
N GLU A 352 -16.83 6.85 -19.85
CA GLU A 352 -16.80 6.38 -18.47
C GLU A 352 -16.54 7.52 -17.49
N SER A 353 -15.50 8.31 -17.79
CA SER A 353 -15.11 9.45 -16.96
C SER A 353 -16.26 10.45 -16.83
N GLY A 354 -16.80 10.86 -17.98
CA GLY A 354 -17.86 11.86 -18.03
C GLY A 354 -19.16 11.36 -17.46
N GLY A 355 -19.52 10.13 -17.81
CA GLY A 355 -20.74 9.48 -17.28
C GLY A 355 -20.75 9.42 -15.77
N GLY A 356 -19.61 9.06 -15.19
CA GLY A 356 -19.44 8.96 -13.75
C GLY A 356 -19.60 10.28 -13.02
N ILE A 357 -18.95 11.33 -13.53
CA ILE A 357 -19.06 12.66 -12.94
C ILE A 357 -20.52 13.08 -12.90
N LEU A 358 -21.22 12.85 -14.01
CA LEU A 358 -22.64 13.16 -14.14
C LEU A 358 -23.48 12.30 -13.19
N ARG A 359 -23.20 11.00 -13.18
CA ARG A 359 -23.87 10.07 -12.27
C ARG A 359 -23.83 10.59 -10.83
N ASN A 360 -22.69 11.15 -10.42
CA ASN A 360 -22.55 11.72 -9.09
C ASN A 360 -23.35 13.00 -8.87
N VAL A 361 -23.35 13.90 -9.85
CA VAL A 361 -24.03 15.19 -9.72
C VAL A 361 -25.52 15.16 -10.09
N SER A 362 -25.95 14.07 -10.73
CA SER A 362 -27.33 13.91 -11.19
C SER A 362 -28.36 14.10 -10.08
N SER A 363 -27.95 13.77 -8.86
CA SER A 363 -28.79 13.95 -7.68
C SER A 363 -29.05 15.42 -7.37
N LEU A 364 -28.09 16.26 -7.73
CA LEU A 364 -28.23 17.72 -7.58
C LEU A 364 -28.95 18.30 -8.78
N ILE A 365 -28.65 17.77 -9.97
CA ILE A 365 -29.31 18.18 -11.21
C ILE A 365 -30.83 17.97 -11.12
N ALA A 366 -31.24 16.85 -10.53
CA ALA A 366 -32.64 16.47 -10.41
C ALA A 366 -33.57 17.57 -9.90
N THR A 367 -33.10 18.33 -8.91
CA THR A 367 -33.90 19.39 -8.30
C THR A 367 -33.99 20.65 -9.16
N ASN A 368 -32.98 20.89 -9.98
CA ASN A 368 -32.94 22.07 -10.83
C ASN A 368 -33.62 21.85 -12.18
N GLU A 369 -34.63 22.67 -12.46
CA GLU A 369 -35.37 22.60 -13.73
C GLU A 369 -34.54 23.17 -14.88
N ASP A 370 -33.83 24.26 -14.61
CA ASP A 370 -32.93 24.87 -15.59
C ASP A 370 -31.84 23.91 -16.05
N HIS A 371 -31.26 23.17 -15.11
CA HIS A 371 -30.19 22.23 -15.42
C HIS A 371 -30.70 21.01 -16.17
N ARG A 372 -31.91 20.57 -15.82
CA ARG A 372 -32.58 19.49 -16.54
C ARG A 372 -32.78 19.87 -18.01
N GLN A 373 -33.01 21.16 -18.25
CA GLN A 373 -33.19 21.71 -19.59
C GLN A 373 -31.89 21.74 -20.38
N ILE A 374 -30.80 22.18 -19.74
CA ILE A 374 -29.47 22.16 -20.33
C ILE A 374 -29.13 20.76 -20.84
N LEU A 375 -29.56 19.76 -20.07
CA LEU A 375 -29.43 18.37 -20.46
C LEU A 375 -30.36 18.02 -21.62
N ARG A 376 -31.64 18.39 -21.47
CA ARG A 376 -32.64 18.14 -22.52
C ARG A 376 -32.19 18.68 -23.86
N GLU A 377 -31.61 19.88 -23.84
CA GLU A 377 -31.07 20.54 -25.03
C GLU A 377 -29.98 19.69 -25.69
N ASN A 378 -29.22 18.97 -24.86
CA ASN A 378 -28.13 18.15 -25.35
C ASN A 378 -28.45 16.66 -25.37
N ASN A 379 -29.72 16.33 -25.59
CA ASN A 379 -30.19 14.94 -25.71
C ASN A 379 -29.56 13.98 -24.69
N CYS A 380 -29.74 14.29 -23.41
CA CYS A 380 -29.11 13.53 -22.34
C CYS A 380 -29.77 12.17 -22.12
N LEU A 381 -31.07 12.19 -21.83
CA LEU A 381 -31.83 10.97 -21.54
C LEU A 381 -31.73 9.95 -22.67
N GLN A 382 -31.74 10.44 -23.91
CA GLN A 382 -31.59 9.59 -25.09
C GLN A 382 -30.29 8.81 -25.01
N THR A 383 -29.20 9.53 -24.78
CA THR A 383 -27.87 8.93 -24.73
C THR A 383 -27.76 7.89 -23.63
N LEU A 384 -28.28 8.22 -22.45
CA LEU A 384 -28.24 7.33 -21.29
C LEU A 384 -28.97 6.03 -21.56
N LEU A 385 -30.07 6.13 -22.31
CA LEU A 385 -30.82 4.96 -22.75
C LEU A 385 -29.98 4.05 -23.64
N GLN A 386 -29.08 4.66 -24.41
CA GLN A 386 -28.16 3.92 -25.26
C GLN A 386 -27.03 3.28 -24.45
N HIS A 387 -26.76 3.86 -23.28
CA HIS A 387 -25.71 3.39 -22.39
C HIS A 387 -26.08 2.08 -21.67
N LEU A 388 -27.36 1.75 -21.68
CA LEU A 388 -27.86 0.49 -21.11
C LEU A 388 -27.50 -0.69 -22.02
N LYS A 389 -27.51 -0.45 -23.32
CA LYS A 389 -27.12 -1.44 -24.33
C LYS A 389 -25.62 -1.73 -24.32
N SER A 390 -24.85 -0.86 -23.70
CA SER A 390 -23.39 -0.94 -23.68
C SER A 390 -22.86 -2.27 -23.15
N HIS A 391 -21.63 -2.62 -23.54
CA HIS A 391 -20.97 -3.83 -23.07
C HIS A 391 -20.07 -3.57 -21.86
N SER A 392 -20.08 -2.35 -21.34
CA SER A 392 -19.18 -1.93 -20.27
C SER A 392 -19.88 -1.79 -18.93
N LEU A 393 -19.35 -2.50 -17.93
CA LEU A 393 -19.84 -2.43 -16.55
C LEU A 393 -19.93 -1.00 -16.02
N THR A 394 -18.88 -0.22 -16.27
CA THR A 394 -18.84 1.17 -15.83
C THR A 394 -19.99 1.98 -16.43
N ILE A 395 -20.15 1.87 -17.74
CA ILE A 395 -21.11 2.69 -18.49
C ILE A 395 -22.56 2.36 -18.15
N VAL A 396 -22.90 1.06 -18.20
CA VAL A 396 -24.25 0.59 -17.90
C VAL A 396 -24.65 1.04 -16.49
N SER A 397 -23.76 0.81 -15.54
CA SER A 397 -24.00 1.18 -14.15
C SER A 397 -24.22 2.68 -13.99
N ASN A 398 -23.41 3.49 -14.69
CA ASN A 398 -23.53 4.94 -14.63
C ASN A 398 -24.89 5.40 -15.13
N ALA A 399 -25.35 4.78 -16.21
CA ALA A 399 -26.62 5.12 -16.84
C ALA A 399 -27.78 5.02 -15.87
N CYS A 400 -28.07 3.81 -15.39
CA CYS A 400 -29.18 3.59 -14.45
C CYS A 400 -28.85 4.12 -13.05
N GLY A 401 -27.70 4.77 -12.93
CA GLY A 401 -27.40 5.58 -11.75
C GLY A 401 -27.90 6.99 -12.00
N THR A 402 -27.59 7.51 -13.18
CA THR A 402 -28.04 8.83 -13.61
C THR A 402 -29.55 8.82 -13.91
N LEU A 403 -30.03 7.72 -14.48
CA LEU A 403 -31.46 7.58 -14.78
C LEU A 403 -32.26 7.38 -13.51
N TRP A 404 -31.64 6.78 -12.50
CA TRP A 404 -32.24 6.64 -11.18
C TRP A 404 -32.63 8.01 -10.66
N ASN A 405 -31.64 8.90 -10.55
CA ASN A 405 -31.84 10.26 -10.03
C ASN A 405 -32.83 11.11 -10.80
N LEU A 406 -32.74 11.06 -12.13
CA LEU A 406 -33.48 11.97 -12.98
C LEU A 406 -34.93 11.55 -13.21
N SER A 407 -35.23 10.27 -12.99
CA SER A 407 -36.57 9.74 -13.22
C SER A 407 -37.58 10.19 -12.16
N ALA A 408 -37.10 10.63 -11.01
CA ALA A 408 -37.96 10.99 -9.88
C ALA A 408 -38.22 12.49 -9.75
N ARG A 409 -39.40 12.81 -9.21
CA ARG A 409 -39.80 14.17 -8.88
C ARG A 409 -39.80 15.17 -10.05
N ASN A 410 -40.19 14.69 -11.23
CA ASN A 410 -40.33 15.53 -12.41
C ASN A 410 -41.21 14.91 -13.50
N PRO A 411 -42.48 15.36 -13.59
CA PRO A 411 -43.42 14.81 -14.57
C PRO A 411 -43.01 15.14 -16.01
N LYS A 412 -42.18 16.17 -16.15
CA LYS A 412 -41.69 16.62 -17.45
C LYS A 412 -40.83 15.54 -18.11
N ASP A 413 -39.85 15.02 -17.38
CA ASP A 413 -38.95 13.99 -17.91
C ASP A 413 -39.48 12.58 -17.73
N GLN A 414 -40.53 12.43 -16.92
CA GLN A 414 -41.22 11.15 -16.75
C GLN A 414 -42.00 10.80 -18.01
N GLU A 415 -42.69 11.79 -18.57
CA GLU A 415 -43.37 11.68 -19.86
C GLU A 415 -42.38 11.27 -20.97
N ALA A 416 -41.27 12.01 -21.05
CA ALA A 416 -40.28 11.81 -22.10
C ALA A 416 -39.78 10.35 -22.15
N LEU A 417 -39.34 9.84 -21.00
CA LEU A 417 -38.83 8.47 -20.90
C LEU A 417 -39.84 7.43 -21.34
N TRP A 418 -41.11 7.65 -20.99
CA TRP A 418 -42.20 6.81 -21.47
C TRP A 418 -42.37 6.93 -22.97
N ASP A 419 -42.27 8.15 -23.49
CA ASP A 419 -42.40 8.41 -24.93
C ASP A 419 -41.16 7.93 -25.70
N MET A 420 -40.08 7.67 -24.96
CA MET A 420 -38.85 7.12 -25.53
C MET A 420 -38.88 5.59 -25.51
N GLY A 421 -39.71 5.02 -24.64
CA GLY A 421 -39.82 3.57 -24.48
C GLY A 421 -38.78 3.01 -23.54
N ALA A 422 -38.49 3.76 -22.47
CA ALA A 422 -37.46 3.38 -21.50
C ALA A 422 -37.82 2.07 -20.79
N VAL A 423 -39.10 1.91 -20.48
CA VAL A 423 -39.62 0.75 -19.77
C VAL A 423 -39.05 -0.58 -20.28
N SER A 424 -39.13 -0.79 -21.59
CA SER A 424 -38.64 -2.02 -22.22
C SER A 424 -37.15 -2.28 -21.96
N MET A 425 -36.37 -1.21 -21.92
CA MET A 425 -34.92 -1.31 -21.74
C MET A 425 -34.54 -1.54 -20.28
N LEU A 426 -35.26 -0.89 -19.38
CA LEU A 426 -35.05 -1.04 -17.94
C LEU A 426 -35.54 -2.40 -17.46
N LYS A 427 -36.61 -2.88 -18.08
CA LYS A 427 -37.20 -4.19 -17.78
C LYS A 427 -36.22 -5.31 -18.04
N ASN A 428 -35.29 -5.06 -18.96
CA ASN A 428 -34.29 -6.03 -19.38
C ASN A 428 -33.07 -6.11 -18.45
N LEU A 429 -33.08 -5.27 -17.42
CA LEU A 429 -31.94 -5.15 -16.49
C LEU A 429 -32.31 -5.32 -15.01
N ILE A 430 -33.59 -5.46 -14.72
CA ILE A 430 -34.05 -5.60 -13.32
C ILE A 430 -33.55 -6.87 -12.65
N HIS A 431 -33.23 -7.89 -13.47
CA HIS A 431 -32.68 -9.14 -12.96
C HIS A 431 -31.19 -9.28 -13.30
N SER A 432 -30.49 -8.15 -13.35
CA SER A 432 -29.09 -8.11 -13.71
C SER A 432 -28.19 -8.85 -12.73
N LYS A 433 -27.16 -9.49 -13.28
CA LYS A 433 -26.14 -10.19 -12.52
C LYS A 433 -25.44 -9.24 -11.56
N HIS A 434 -25.27 -7.99 -11.98
CA HIS A 434 -24.67 -6.96 -11.14
C HIS A 434 -25.77 -6.17 -10.42
N LYS A 435 -25.68 -6.16 -9.09
CA LYS A 435 -26.79 -5.75 -8.24
C LYS A 435 -27.06 -4.25 -8.21
N MET A 436 -26.04 -3.43 -8.50
CA MET A 436 -26.23 -1.98 -8.58
C MET A 436 -27.03 -1.59 -9.81
N ILE A 437 -26.68 -2.20 -10.95
CA ILE A 437 -27.42 -2.03 -12.20
C ILE A 437 -28.86 -2.50 -12.01
N ALA A 438 -29.02 -3.67 -11.39
CA ALA A 438 -30.33 -4.25 -11.10
C ALA A 438 -31.17 -3.33 -10.22
N MET A 439 -30.51 -2.70 -9.24
CA MET A 439 -31.20 -1.81 -8.30
C MET A 439 -31.60 -0.51 -8.97
N GLY A 440 -30.63 0.15 -9.60
CA GLY A 440 -30.84 1.45 -10.25
C GLY A 440 -32.00 1.43 -11.23
N SER A 441 -32.00 0.41 -12.09
CA SER A 441 -33.02 0.23 -13.11
C SER A 441 -34.42 0.02 -12.51
N ALA A 442 -34.54 -0.95 -11.62
CA ALA A 442 -35.82 -1.25 -10.97
C ALA A 442 -36.35 -0.05 -10.19
N ALA A 443 -35.44 0.76 -9.65
CA ALA A 443 -35.80 1.98 -8.94
C ALA A 443 -36.35 3.03 -9.89
N ALA A 444 -35.72 3.14 -11.06
CA ALA A 444 -36.16 4.05 -12.12
C ALA A 444 -37.46 3.56 -12.77
N LEU A 445 -37.63 2.24 -12.82
CA LEU A 445 -38.84 1.64 -13.35
C LEU A 445 -40.01 1.88 -12.38
N ARG A 446 -39.71 1.83 -11.08
CA ARG A 446 -40.68 2.18 -10.05
C ARG A 446 -41.15 3.63 -10.19
N ASN A 447 -40.20 4.53 -10.45
CA ASN A 447 -40.49 5.95 -10.67
C ASN A 447 -41.45 6.16 -11.83
N LEU A 448 -41.19 5.45 -12.93
CA LEU A 448 -41.96 5.62 -14.15
C LEU A 448 -43.32 4.93 -14.12
N MET A 449 -43.38 3.73 -13.55
CA MET A 449 -44.63 2.96 -13.46
C MET A 449 -45.72 3.70 -12.69
N ALA A 450 -45.30 4.59 -11.79
CA ALA A 450 -46.22 5.44 -11.03
C ALA A 450 -46.90 6.51 -11.92
N ASN A 451 -46.28 6.78 -13.08
CA ASN A 451 -46.77 7.81 -14.00
C ASN A 451 -46.93 7.29 -15.44
N ARG A 452 -48.12 6.81 -15.78
CA ARG A 452 -48.41 6.32 -17.14
C ARG A 452 -49.68 6.93 -17.75
N PRO A 453 -49.55 7.51 -18.96
CA PRO A 453 -50.68 8.19 -19.62
C PRO A 453 -51.59 7.22 -20.39
N ALA A 454 -50.99 6.29 -21.12
CA ALA A 454 -51.71 5.23 -21.83
C ALA A 454 -51.19 3.86 -21.40
N LYS A 455 -52.01 2.82 -21.59
CA LYS A 455 -51.67 1.46 -21.20
C LYS A 455 -50.50 0.91 -22.01
N ASP B 45 -14.75 13.88 32.39
CA ASP B 45 -13.87 13.65 31.20
C ASP B 45 -14.62 13.77 29.86
N LYS B 46 -14.22 12.98 28.88
CA LYS B 46 -14.77 13.04 27.53
C LYS B 46 -15.89 12.01 27.33
N ASP B 47 -16.49 11.61 28.46
CA ASP B 47 -17.69 10.81 28.51
C ASP B 47 -18.83 11.54 27.79
N ASP B 48 -18.81 12.86 27.91
CA ASP B 48 -19.84 13.75 27.36
C ASP B 48 -19.79 13.87 25.84
N MET B 49 -18.60 13.72 25.26
CA MET B 49 -18.47 13.85 23.82
C MET B 49 -19.07 12.64 23.09
N SER B 50 -19.24 11.54 23.82
CA SER B 50 -19.94 10.38 23.30
C SER B 50 -21.45 10.58 23.42
N ARG B 51 -21.86 11.42 24.38
CA ARG B 51 -23.27 11.78 24.54
C ARG B 51 -23.73 12.67 23.38
N THR B 52 -22.87 13.60 22.97
CA THR B 52 -23.16 14.51 21.87
C THR B 52 -23.08 13.81 20.52
N LEU B 53 -22.16 12.85 20.40
CA LEU B 53 -21.98 12.07 19.17
C LEU B 53 -23.13 11.11 18.89
N LEU B 54 -23.70 10.56 19.95
CA LEU B 54 -24.87 9.70 19.83
C LEU B 54 -26.12 10.52 19.52
N ALA B 55 -26.21 11.70 20.12
CA ALA B 55 -27.34 12.62 19.90
C ALA B 55 -27.37 13.11 18.46
N MET B 56 -26.19 13.37 17.90
CA MET B 56 -26.05 13.76 16.49
C MET B 56 -26.41 12.62 15.56
N SER B 57 -26.22 11.39 16.03
CA SER B 57 -26.49 10.18 15.27
C SER B 57 -27.98 9.80 15.23
N SER B 58 -28.74 10.25 16.22
CA SER B 58 -30.13 9.84 16.43
C SER B 58 -31.09 10.33 15.34
N SER B 59 -30.90 11.57 14.89
CA SER B 59 -31.80 12.20 13.92
C SER B 59 -31.67 11.61 12.51
N GLN B 60 -32.76 11.71 11.75
CA GLN B 60 -32.88 11.12 10.42
C GLN B 60 -31.83 11.66 9.45
N ASP B 61 -30.88 10.81 9.09
CA ASP B 61 -29.81 11.13 8.13
C ASP B 61 -29.13 12.49 8.38
N SER B 62 -28.70 12.70 9.61
CA SER B 62 -27.79 13.80 9.93
C SER B 62 -26.40 13.18 10.15
N CYS B 63 -26.38 11.86 10.25
CA CYS B 63 -25.15 11.11 10.38
C CYS B 63 -24.41 10.99 9.05
N ILE B 64 -25.10 11.27 7.95
CA ILE B 64 -24.44 11.37 6.64
C ILE B 64 -23.40 12.49 6.66
N SER B 65 -23.74 13.62 7.28
CA SER B 65 -22.82 14.75 7.43
C SER B 65 -21.74 14.49 8.48
N MET B 66 -21.99 13.55 9.38
CA MET B 66 -21.02 13.22 10.44
C MET B 66 -19.77 12.54 9.89
N ARG B 67 -19.97 11.59 8.97
CA ARG B 67 -18.85 10.92 8.32
C ARG B 67 -18.06 11.92 7.49
N GLN B 68 -18.78 12.82 6.81
CA GLN B 68 -18.17 13.92 6.08
C GLN B 68 -17.33 14.78 7.03
N SER B 69 -17.84 14.98 8.24
CA SER B 69 -17.15 15.73 9.30
C SER B 69 -15.95 14.95 9.85
N GLY B 70 -15.98 13.63 9.66
CA GLY B 70 -14.90 12.75 10.10
C GLY B 70 -15.07 12.27 11.52
N CYS B 71 -16.29 11.82 11.82
CA CYS B 71 -16.62 11.34 13.16
C CYS B 71 -16.21 9.88 13.38
N LEU B 72 -16.05 9.14 12.30
CA LEU B 72 -15.66 7.73 12.39
C LEU B 72 -14.36 7.52 13.16
N PRO B 73 -13.29 8.27 12.83
CA PRO B 73 -12.05 8.13 13.61
C PRO B 73 -12.24 8.53 15.08
N LEU B 74 -13.10 9.51 15.34
CA LEU B 74 -13.41 9.95 16.70
C LEU B 74 -14.18 8.88 17.46
N LEU B 75 -15.07 8.18 16.75
CA LEU B 75 -15.83 7.07 17.34
C LEU B 75 -14.93 5.91 17.68
N ILE B 76 -14.03 5.56 16.76
CA ILE B 76 -13.06 4.48 16.96
C ILE B 76 -12.10 4.80 18.12
N GLN B 77 -11.74 6.07 18.26
CA GLN B 77 -10.88 6.51 19.36
C GLN B 77 -11.54 6.33 20.73
N LEU B 78 -12.85 6.55 20.78
CA LEU B 78 -13.60 6.33 22.03
C LEU B 78 -13.76 4.84 22.31
N LEU B 79 -13.65 4.04 21.25
CA LEU B 79 -13.96 2.62 21.30
C LEU B 79 -12.71 1.75 21.46
N HIS B 80 -11.59 2.22 20.93
CA HIS B 80 -10.32 1.48 20.95
C HIS B 80 -9.11 2.39 21.18
N GLY B 81 -9.31 3.68 20.93
CA GLY B 81 -8.24 4.69 20.86
C GLY B 81 -6.94 4.49 21.63
N ASN B 82 -5.91 4.04 20.91
CA ASN B 82 -4.57 3.90 21.45
C ASN B 82 -3.55 4.59 20.52
N ASP B 83 -4.03 5.61 19.82
CA ASP B 83 -3.22 6.45 18.93
C ASP B 83 -1.86 6.85 19.55
N LYS B 84 -1.80 6.94 20.88
CA LYS B 84 -0.54 7.14 21.62
C LYS B 84 0.55 6.18 21.14
N ASN B 91 -5.80 4.19 25.84
CA ASN B 91 -6.17 5.01 26.99
C ASN B 91 -6.87 6.32 26.58
N SER B 92 -7.28 6.39 25.32
CA SER B 92 -8.18 7.43 24.84
C SER B 92 -9.60 6.86 24.69
N ARG B 93 -9.73 5.55 24.95
CA ARG B 93 -11.02 4.87 24.89
C ARG B 93 -11.80 5.04 26.19
N GLY B 94 -13.06 5.46 26.06
CA GLY B 94 -13.87 5.85 27.21
C GLY B 94 -14.45 4.71 28.02
N SER B 95 -15.36 5.06 28.91
CA SER B 95 -16.05 4.12 29.80
C SER B 95 -16.86 3.07 29.04
N LYS B 96 -17.33 2.06 29.77
CA LYS B 96 -18.18 1.02 29.20
C LYS B 96 -19.51 1.60 28.72
N GLU B 97 -20.10 2.47 29.53
CA GLU B 97 -21.31 3.19 29.15
C GLU B 97 -21.04 4.17 28.01
N ALA B 98 -19.84 4.74 28.00
CA ALA B 98 -19.40 5.63 26.92
C ALA B 98 -19.21 4.86 25.61
N ARG B 99 -18.57 3.69 25.70
CA ARG B 99 -18.35 2.84 24.53
C ARG B 99 -19.63 2.24 23.97
N ALA B 100 -20.62 2.03 24.84
CA ALA B 100 -21.94 1.55 24.44
C ALA B 100 -22.61 2.58 23.54
N ARG B 101 -22.49 3.85 23.91
CA ARG B 101 -23.00 4.96 23.12
C ARG B 101 -22.28 5.06 21.77
N ALA B 102 -20.95 4.99 21.82
CA ALA B 102 -20.12 5.14 20.63
C ALA B 102 -20.47 4.13 19.55
N SER B 103 -20.42 2.84 19.88
CA SER B 103 -20.72 1.77 18.94
C SER B 103 -22.15 1.83 18.41
N ALA B 104 -23.06 2.37 19.22
CA ALA B 104 -24.45 2.58 18.81
C ALA B 104 -24.53 3.68 17.77
N ALA B 105 -23.86 4.80 18.04
CA ALA B 105 -23.77 5.91 17.09
C ALA B 105 -23.08 5.45 15.80
N LEU B 106 -22.06 4.61 15.97
CA LEU B 106 -21.30 4.04 14.87
C LEU B 106 -22.16 3.07 14.06
N HIS B 107 -23.11 2.41 14.74
CA HIS B 107 -24.08 1.56 14.05
C HIS B 107 -25.02 2.43 13.20
N ASN B 108 -25.54 3.50 13.80
CA ASN B 108 -26.50 4.37 13.15
C ASN B 108 -25.97 5.07 11.90
N ILE B 109 -24.68 5.41 11.92
CA ILE B 109 -24.06 6.13 10.80
C ILE B 109 -23.78 5.22 9.59
N ILE B 110 -23.32 3.99 9.86
CA ILE B 110 -23.06 3.02 8.81
C ILE B 110 -24.36 2.46 8.22
N HIS B 111 -25.37 2.31 9.07
CA HIS B 111 -26.68 1.83 8.63
C HIS B 111 -27.54 2.92 7.97
N SER B 112 -27.07 4.15 8.00
CA SER B 112 -27.75 5.26 7.33
C SER B 112 -27.02 5.68 6.06
N GLN B 113 -26.92 4.74 5.14
CA GLN B 113 -26.29 4.95 3.84
C GLN B 113 -27.21 4.46 2.74
N PRO B 114 -26.87 4.72 1.47
CA PRO B 114 -27.56 4.03 0.38
C PRO B 114 -27.15 2.55 0.34
N ASP B 115 -27.88 1.76 -0.45
CA ASP B 115 -27.64 0.32 -0.54
C ASP B 115 -26.46 0.00 -1.48
N ASP B 116 -25.44 0.85 -1.48
CA ASP B 116 -24.25 0.69 -2.33
C ASP B 116 -23.42 -0.56 -2.01
N LYS B 117 -22.52 -0.91 -2.92
CA LYS B 117 -21.62 -2.05 -2.72
C LYS B 117 -20.72 -1.84 -1.50
N ARG B 118 -20.26 -0.60 -1.32
CA ARG B 118 -19.46 -0.22 -0.15
C ARG B 118 -20.35 -0.10 1.08
N GLY B 119 -21.63 0.21 0.85
CA GLY B 119 -22.62 0.26 1.92
C GLY B 119 -23.03 -1.09 2.47
N ARG B 120 -22.79 -2.15 1.71
CA ARG B 120 -23.17 -3.50 2.13
C ARG B 120 -22.01 -4.28 2.74
N ARG B 121 -20.78 -3.92 2.40
CA ARG B 121 -19.60 -4.52 3.02
C ARG B 121 -19.49 -4.03 4.45
N GLU B 122 -19.66 -2.72 4.63
CA GLU B 122 -19.57 -2.09 5.95
C GLU B 122 -20.59 -2.64 6.94
N ILE B 123 -21.81 -2.88 6.49
CA ILE B 123 -22.83 -3.49 7.35
C ILE B 123 -22.51 -4.95 7.65
N ARG B 124 -22.12 -5.70 6.62
CA ARG B 124 -21.70 -7.10 6.79
C ARG B 124 -20.57 -7.20 7.81
N VAL B 125 -19.56 -6.35 7.66
CA VAL B 125 -18.39 -6.35 8.55
C VAL B 125 -18.75 -5.85 9.95
N LEU B 126 -19.32 -4.65 10.04
CA LEU B 126 -19.67 -4.05 11.32
C LEU B 126 -20.51 -5.00 12.20
N HIS B 127 -21.49 -5.67 11.59
CA HIS B 127 -22.31 -6.66 12.29
C HIS B 127 -21.46 -7.70 13.02
N LEU B 128 -20.44 -8.19 12.34
CA LEU B 128 -19.52 -9.17 12.91
C LEU B 128 -18.66 -8.55 14.00
N LEU B 129 -18.15 -7.35 13.74
CA LEU B 129 -17.34 -6.62 14.71
C LEU B 129 -18.14 -6.29 15.97
N GLU B 130 -19.42 -6.00 15.79
CA GLU B 130 -20.31 -5.74 16.92
C GLU B 130 -20.49 -6.96 17.82
N GLN B 131 -20.56 -8.13 17.21
CA GLN B 131 -20.63 -9.40 17.94
C GLN B 131 -19.35 -9.64 18.73
N ILE B 132 -18.21 -9.33 18.11
CA ILE B 132 -16.91 -9.43 18.77
C ILE B 132 -16.81 -8.44 19.93
N ARG B 133 -17.14 -7.18 19.66
CA ARG B 133 -17.12 -6.13 20.69
C ARG B 133 -18.00 -6.50 21.88
N ALA B 134 -19.25 -6.91 21.61
CA ALA B 134 -20.17 -7.33 22.65
C ALA B 134 -19.62 -8.50 23.47
N TYR B 135 -18.94 -9.43 22.79
CA TYR B 135 -18.35 -10.59 23.45
C TYR B 135 -17.20 -10.18 24.36
N CYS B 136 -16.37 -9.26 23.87
CA CYS B 136 -15.26 -8.72 24.65
C CYS B 136 -15.74 -8.07 25.94
N GLU B 137 -16.92 -7.43 25.87
CA GLU B 137 -17.54 -6.79 27.03
C GLU B 137 -17.95 -7.82 28.08
N THR B 138 -18.29 -9.02 27.62
CA THR B 138 -18.60 -10.13 28.52
C THR B 138 -17.34 -10.56 29.26
N CYS B 139 -16.22 -10.60 28.54
CA CYS B 139 -14.94 -11.03 29.07
C CYS B 139 -14.34 -10.04 30.08
N TRP B 140 -14.44 -8.76 29.76
CA TRP B 140 -13.91 -7.70 30.63
C TRP B 140 -14.69 -7.59 31.95
N GLU B 141 -16.00 -7.79 31.86
CA GLU B 141 -16.86 -7.84 33.06
C GLU B 141 -16.51 -9.01 33.96
N TRP B 142 -16.21 -10.16 33.36
CA TRP B 142 -15.75 -11.35 34.09
C TRP B 142 -14.42 -11.09 34.79
N GLN B 143 -13.49 -10.46 34.08
CA GLN B 143 -12.16 -10.18 34.62
C GLN B 143 -12.19 -9.22 35.80
N GLU B 144 -13.07 -8.21 35.73
CA GLU B 144 -13.25 -7.26 36.83
C GLU B 144 -13.93 -7.92 38.03
N ALA B 145 -14.84 -8.86 37.77
CA ALA B 145 -15.58 -9.54 38.81
C ALA B 145 -14.76 -10.63 39.49
N HIS B 146 -13.94 -11.33 38.69
CA HIS B 146 -13.07 -12.38 39.20
C HIS B 146 -11.66 -11.82 39.47
N GLU B 147 -11.61 -10.70 40.19
CA GLU B 147 -10.40 -9.93 40.37
C GLU B 147 -9.93 -9.96 41.82
N PRO B 148 -8.62 -9.74 42.06
CA PRO B 148 -8.09 -9.62 43.43
C PRO B 148 -8.83 -8.58 44.26
N GLY B 149 -9.31 -8.99 45.43
CA GLY B 149 -10.04 -8.10 46.33
C GLY B 149 -11.54 -8.14 46.13
N MET B 150 -11.95 -8.55 44.93
CA MET B 150 -13.36 -8.57 44.55
C MET B 150 -14.09 -9.75 45.16
N ASP B 151 -15.25 -9.47 45.76
CA ASP B 151 -16.10 -10.50 46.33
C ASP B 151 -16.67 -11.38 45.22
N GLN B 152 -16.09 -12.57 45.07
CA GLN B 152 -16.48 -13.51 44.02
C GLN B 152 -17.61 -14.41 44.49
N ASP B 153 -18.81 -13.83 44.62
CA ASP B 153 -20.02 -14.56 44.99
C ASP B 153 -21.28 -13.99 44.34
N LYS B 154 -21.18 -13.70 43.05
CA LYS B 154 -22.34 -13.25 42.26
C LYS B 154 -22.31 -13.74 40.82
N ASN B 155 -23.50 -14.06 40.30
CA ASN B 155 -23.65 -14.67 38.97
C ASN B 155 -23.36 -13.70 37.84
N PRO B 156 -22.45 -14.08 36.91
CA PRO B 156 -22.10 -13.27 35.74
C PRO B 156 -23.14 -13.40 34.64
N ALA B 159 -19.62 -16.74 32.99
CA ALA B 159 -18.49 -17.02 32.10
C ALA B 159 -18.90 -17.01 30.62
N PRO B 160 -18.09 -16.37 29.76
CA PRO B 160 -18.36 -16.37 28.33
C PRO B 160 -17.77 -17.60 27.61
N VAL B 161 -18.65 -18.40 27.02
CA VAL B 161 -18.22 -19.60 26.26
C VAL B 161 -17.71 -19.21 24.86
N GLU B 162 -16.47 -19.60 24.58
CA GLU B 162 -15.76 -19.22 23.34
C GLU B 162 -16.44 -19.69 22.07
N HIS B 163 -17.16 -20.81 22.17
CA HIS B 163 -17.69 -21.50 20.98
C HIS B 163 -18.65 -20.65 20.14
N GLN B 164 -19.28 -19.65 20.76
CA GLN B 164 -20.26 -18.80 20.08
C GLN B 164 -19.64 -17.73 19.17
N ILE B 165 -18.45 -17.27 19.53
CA ILE B 165 -17.79 -16.17 18.82
C ILE B 165 -16.88 -16.62 17.67
N CYS B 166 -16.57 -17.91 17.64
CA CYS B 166 -15.66 -18.47 16.64
C CYS B 166 -16.19 -18.40 15.20
N PRO B 167 -17.51 -18.66 15.00
CA PRO B 167 -18.01 -18.49 13.63
C PRO B 167 -17.89 -17.05 13.16
N ALA B 168 -18.16 -16.11 14.06
CA ALA B 168 -18.07 -14.69 13.74
C ALA B 168 -16.65 -14.28 13.36
N VAL B 169 -15.66 -14.73 14.13
CA VAL B 169 -14.27 -14.40 13.85
C VAL B 169 -13.75 -15.18 12.64
N CYS B 170 -14.39 -16.31 12.33
CA CYS B 170 -14.05 -17.09 11.15
C CYS B 170 -14.32 -16.28 9.89
N VAL B 171 -15.54 -15.74 9.79
CA VAL B 171 -15.98 -14.96 8.64
C VAL B 171 -15.04 -13.79 8.39
N LEU B 172 -14.77 -13.01 9.44
CA LEU B 172 -13.87 -11.87 9.35
C LEU B 172 -12.50 -12.26 8.82
N MET B 173 -11.95 -13.35 9.37
CA MET B 173 -10.68 -13.92 8.92
C MET B 173 -10.71 -14.19 7.42
N LYS B 174 -11.76 -14.87 6.96
CA LYS B 174 -11.91 -15.18 5.54
C LYS B 174 -12.07 -13.91 4.69
N LEU B 175 -12.86 -12.96 5.21
CA LEU B 175 -13.11 -11.71 4.49
C LEU B 175 -11.88 -10.82 4.38
N SER B 176 -10.99 -10.90 5.37
CA SER B 176 -9.80 -10.05 5.40
C SER B 176 -8.83 -10.37 4.26
N PHE B 177 -9.05 -11.48 3.57
CA PHE B 177 -8.26 -11.83 2.38
C PHE B 177 -8.55 -10.89 1.19
N ASP B 178 -9.74 -10.29 1.19
CA ASP B 178 -10.14 -9.33 0.18
C ASP B 178 -9.71 -7.92 0.56
N GLU B 179 -9.16 -7.18 -0.40
CA GLU B 179 -8.66 -5.83 -0.14
C GLU B 179 -9.78 -4.87 0.25
N GLU B 180 -10.89 -4.94 -0.48
CA GLU B 180 -12.04 -4.07 -0.26
C GLU B 180 -12.61 -4.22 1.15
N HIS B 181 -12.66 -5.46 1.63
CA HIS B 181 -13.09 -5.75 2.99
C HIS B 181 -12.08 -5.24 4.01
N ARG B 182 -10.80 -5.37 3.69
CA ARG B 182 -9.75 -4.86 4.56
C ARG B 182 -9.87 -3.36 4.75
N HIS B 183 -10.06 -2.65 3.64
CA HIS B 183 -10.29 -1.22 3.66
C HIS B 183 -11.47 -0.84 4.57
N ALA B 184 -12.50 -1.67 4.55
CA ALA B 184 -13.70 -1.46 5.37
C ALA B 184 -13.44 -1.73 6.84
N MET B 185 -12.82 -2.87 7.13
CA MET B 185 -12.40 -3.20 8.48
C MET B 185 -11.51 -2.09 9.05
N ASN B 186 -10.70 -1.50 8.18
CA ASN B 186 -9.76 -0.47 8.58
C ASN B 186 -10.42 0.81 9.10
N GLU B 187 -11.49 1.24 8.42
CA GLU B 187 -12.20 2.44 8.88
C GLU B 187 -13.33 2.12 9.87
N LEU B 188 -13.51 0.86 10.19
CA LEU B 188 -14.44 0.44 11.24
C LEU B 188 -13.71 0.02 12.52
N GLY B 189 -12.39 0.13 12.52
CA GLY B 189 -11.57 -0.25 13.66
C GLY B 189 -11.59 -1.75 13.90
N GLY B 190 -11.47 -2.51 12.81
CA GLY B 190 -11.49 -3.97 12.85
C GLY B 190 -10.25 -4.55 13.51
N LEU B 191 -9.08 -4.14 13.02
CA LEU B 191 -7.80 -4.61 13.54
C LEU B 191 -7.75 -4.62 15.06
N GLN B 192 -8.05 -3.48 15.66
CA GLN B 192 -8.04 -3.31 17.12
C GLN B 192 -9.05 -4.24 17.82
N ALA B 193 -10.23 -4.39 17.23
CA ALA B 193 -11.26 -5.29 17.77
C ALA B 193 -10.82 -6.74 17.73
N ILE B 194 -10.32 -7.18 16.57
CA ILE B 194 -9.77 -8.53 16.40
C ILE B 194 -8.63 -8.78 17.39
N ALA B 195 -7.77 -7.78 17.55
CA ALA B 195 -6.63 -7.86 18.45
C ALA B 195 -7.06 -7.94 19.92
N GLU B 196 -8.06 -7.14 20.27
CA GLU B 196 -8.58 -7.11 21.65
C GLU B 196 -9.19 -8.45 22.03
N LEU B 197 -9.86 -9.08 21.08
CA LEU B 197 -10.40 -10.42 21.26
C LEU B 197 -9.30 -11.45 21.51
N LEU B 198 -8.20 -11.30 20.78
CA LEU B 198 -7.06 -12.20 20.91
C LEU B 198 -6.48 -12.12 22.32
N GLN B 199 -6.08 -10.91 22.74
CA GLN B 199 -5.41 -10.73 24.02
C GLN B 199 -6.27 -11.11 25.22
N VAL B 200 -7.56 -10.78 25.15
CA VAL B 200 -8.46 -11.02 26.28
C VAL B 200 -8.65 -12.52 26.51
N ASP B 201 -8.54 -13.31 25.45
CA ASP B 201 -8.70 -14.75 25.56
C ASP B 201 -7.44 -15.42 26.10
N CYS B 202 -6.29 -14.97 25.62
CA CYS B 202 -5.00 -15.44 26.14
C CYS B 202 -4.86 -15.13 27.63
N GLU B 203 -5.30 -13.94 28.02
CA GLU B 203 -5.28 -13.52 29.43
C GLU B 203 -6.16 -14.42 30.31
N MET B 204 -7.29 -14.85 29.76
CA MET B 204 -8.23 -15.70 30.49
C MET B 204 -7.73 -17.14 30.65
N TYR B 205 -7.41 -17.79 29.53
CA TYR B 205 -6.89 -19.16 29.55
C TYR B 205 -5.50 -19.21 28.89
N GLY B 206 -4.48 -18.97 29.69
CA GLY B 206 -3.10 -18.93 29.19
C GLY B 206 -2.60 -20.27 28.72
N LEU B 207 -2.25 -20.35 27.43
CA LEU B 207 -1.75 -21.58 26.80
C LEU B 207 -2.52 -22.85 27.18
N THR B 208 -3.81 -22.83 26.85
CA THR B 208 -4.66 -24.00 26.96
C THR B 208 -4.53 -24.83 25.68
N ASN B 209 -5.01 -26.07 25.72
CA ASN B 209 -5.05 -26.92 24.54
C ASN B 209 -6.47 -27.18 24.05
N ASP B 210 -7.43 -26.42 24.61
CA ASP B 210 -8.84 -26.49 24.21
C ASP B 210 -8.98 -26.14 22.73
N HIS B 211 -9.67 -27.01 21.99
CA HIS B 211 -9.81 -26.86 20.55
C HIS B 211 -10.45 -25.52 20.16
N TYR B 212 -11.57 -25.20 20.81
CA TYR B 212 -12.31 -23.96 20.56
C TYR B 212 -11.52 -22.70 20.92
N SER B 213 -10.62 -22.83 21.89
CA SER B 213 -9.74 -21.72 22.25
C SER B 213 -8.70 -21.52 21.15
N ILE B 214 -7.93 -22.57 20.86
CA ILE B 214 -6.95 -22.56 19.77
C ILE B 214 -7.52 -21.98 18.48
N THR B 215 -8.68 -22.48 18.08
CA THR B 215 -9.35 -22.06 16.85
C THR B 215 -9.50 -20.53 16.76
N LEU B 216 -10.06 -19.91 17.79
CA LEU B 216 -10.25 -18.47 17.78
C LEU B 216 -8.91 -17.74 17.83
N ARG B 217 -7.95 -18.28 18.59
CA ARG B 217 -6.60 -17.74 18.63
C ARG B 217 -6.00 -17.77 17.23
N ARG B 218 -6.29 -18.84 16.50
CA ARG B 218 -5.79 -19.03 15.13
C ARG B 218 -6.51 -18.16 14.12
N TYR B 219 -7.83 -18.02 14.26
CA TYR B 219 -8.60 -17.16 13.37
C TYR B 219 -8.19 -15.70 13.53
N ALA B 220 -8.34 -15.17 14.74
CA ALA B 220 -7.97 -13.80 15.05
C ALA B 220 -6.59 -13.46 14.50
N GLY B 221 -5.62 -14.34 14.74
CA GLY B 221 -4.25 -14.13 14.29
C GLY B 221 -4.11 -14.04 12.78
N MET B 222 -4.88 -14.86 12.07
CA MET B 222 -4.84 -14.89 10.61
C MET B 222 -5.41 -13.62 9.99
N ALA B 223 -6.44 -13.06 10.63
CA ALA B 223 -7.01 -11.78 10.22
C ALA B 223 -6.01 -10.67 10.47
N LEU B 224 -5.39 -10.67 11.64
CA LEU B 224 -4.35 -9.70 11.99
C LEU B 224 -3.15 -9.77 11.07
N THR B 225 -2.95 -10.94 10.44
CA THR B 225 -1.91 -11.11 9.43
C THR B 225 -2.29 -10.32 8.17
N ASN B 226 -3.49 -10.56 7.67
CA ASN B 226 -4.00 -9.89 6.48
C ASN B 226 -4.14 -8.37 6.68
N LEU B 227 -4.54 -7.98 7.88
CA LEU B 227 -4.79 -6.59 8.19
C LEU B 227 -3.51 -5.78 8.36
N THR B 228 -2.43 -6.45 8.77
CA THR B 228 -1.14 -5.77 8.87
C THR B 228 -0.35 -5.81 7.57
N PHE B 229 -0.66 -6.79 6.71
CA PHE B 229 -0.01 -6.95 5.40
C PHE B 229 -0.05 -5.68 4.54
N GLY B 230 1.13 -5.12 4.29
CA GLY B 230 1.27 -3.92 3.45
C GLY B 230 0.80 -2.64 4.11
N ASP B 231 0.09 -2.79 5.22
CA ASP B 231 -0.49 -1.66 5.94
C ASP B 231 0.45 -1.16 7.02
N VAL B 232 1.13 -0.05 6.74
CA VAL B 232 2.12 0.53 7.67
C VAL B 232 1.47 1.03 8.96
N ALA B 233 0.30 1.63 8.80
CA ALA B 233 -0.46 2.18 9.93
C ALA B 233 -1.04 1.11 10.85
N ASN B 234 -1.39 -0.04 10.27
CA ASN B 234 -1.92 -1.15 11.07
C ASN B 234 -0.83 -1.88 11.83
N LYS B 235 0.34 -2.00 11.23
CA LYS B 235 1.49 -2.60 11.89
C LYS B 235 1.85 -1.79 13.12
N ALA B 236 1.71 -0.47 13.02
CA ALA B 236 1.99 0.43 14.12
C ALA B 236 0.95 0.30 15.24
N THR B 237 -0.33 0.24 14.86
CA THR B 237 -1.43 0.18 15.82
C THR B 237 -1.36 -1.06 16.70
N LEU B 238 -1.15 -2.21 16.05
CA LEU B 238 -1.04 -3.48 16.76
C LEU B 238 0.17 -3.51 17.69
N CYS B 239 1.29 -2.97 17.23
CA CYS B 239 2.50 -2.89 18.05
C CYS B 239 2.31 -1.98 19.26
N SER B 240 1.46 -0.97 19.11
CA SER B 240 1.16 -0.05 20.21
C SER B 240 0.31 -0.73 21.27
N MET B 241 -0.33 -1.84 20.91
CA MET B 241 -1.13 -2.62 21.85
C MET B 241 -0.23 -3.58 22.63
N LYS B 242 0.45 -3.03 23.64
CA LYS B 242 1.47 -3.73 24.40
C LYS B 242 0.97 -5.00 25.08
N GLY B 243 -0.27 -4.93 25.59
CA GLY B 243 -0.92 -6.09 26.20
C GLY B 243 -1.11 -7.21 25.19
N CYS B 244 -1.68 -6.86 24.04
CA CYS B 244 -1.91 -7.81 22.97
C CYS B 244 -0.61 -8.41 22.42
N MET B 245 0.44 -7.59 22.34
CA MET B 245 1.73 -8.03 21.82
C MET B 245 2.34 -9.13 22.69
N ARG B 246 2.34 -8.92 24.01
CA ARG B 246 2.84 -9.92 24.96
C ARG B 246 2.07 -11.22 24.85
N ALA B 247 0.76 -11.10 24.64
CA ALA B 247 -0.10 -12.26 24.45
C ALA B 247 0.35 -13.04 23.23
N LEU B 248 0.54 -12.34 22.11
CA LEU B 248 0.98 -12.96 20.86
C LEU B 248 2.28 -13.72 21.09
N VAL B 249 3.31 -13.01 21.55
CA VAL B 249 4.63 -13.59 21.79
C VAL B 249 4.53 -14.81 22.70
N ALA B 250 3.58 -14.77 23.64
CA ALA B 250 3.39 -15.84 24.61
C ALA B 250 2.83 -17.11 23.98
N GLN B 251 2.12 -16.97 22.87
CA GLN B 251 1.50 -18.12 22.20
C GLN B 251 2.49 -18.99 21.42
N LEU B 252 3.73 -18.52 21.29
CA LEU B 252 4.81 -19.27 20.60
C LEU B 252 5.19 -20.53 21.36
N LYS B 253 4.93 -20.53 22.66
CA LYS B 253 5.22 -21.68 23.51
C LYS B 253 4.05 -22.67 23.54
N SER B 254 3.01 -22.40 22.76
CA SER B 254 1.87 -23.32 22.63
C SER B 254 2.30 -24.63 21.98
N GLU B 255 1.63 -25.72 22.35
CA GLU B 255 1.91 -27.03 21.77
C GLU B 255 1.32 -27.17 20.37
N SER B 256 0.37 -26.30 20.03
CA SER B 256 -0.22 -26.26 18.70
C SER B 256 0.69 -25.56 17.70
N GLU B 257 1.31 -26.34 16.83
CA GLU B 257 2.24 -25.82 15.83
C GLU B 257 1.50 -25.17 14.66
N ASP B 258 0.19 -25.41 14.59
CA ASP B 258 -0.67 -24.69 13.65
C ASP B 258 -0.81 -23.23 14.09
N LEU B 259 -1.00 -23.03 15.39
CA LEU B 259 -1.09 -21.71 16.00
C LEU B 259 0.25 -20.98 16.01
N GLN B 260 1.34 -21.68 16.35
CA GLN B 260 2.68 -21.10 16.34
C GLN B 260 3.02 -20.45 15.00
N GLN B 261 2.56 -21.08 13.91
CA GLN B 261 2.70 -20.54 12.57
C GLN B 261 1.88 -19.26 12.41
N VAL B 262 0.67 -19.26 12.95
CA VAL B 262 -0.22 -18.11 12.90
C VAL B 262 0.31 -16.97 13.77
N ILE B 263 1.25 -17.26 14.66
CA ILE B 263 1.93 -16.22 15.43
C ILE B 263 3.19 -15.73 14.71
N ALA B 264 3.88 -16.66 14.06
CA ALA B 264 5.14 -16.37 13.37
C ALA B 264 5.00 -15.40 12.20
N SER B 265 3.97 -15.59 11.37
CA SER B 265 3.74 -14.73 10.22
C SER B 265 3.26 -13.33 10.63
N VAL B 266 2.49 -13.25 11.71
CA VAL B 266 2.08 -11.95 12.26
C VAL B 266 3.31 -11.15 12.65
N LEU B 267 4.20 -11.79 13.42
CA LEU B 267 5.45 -11.18 13.83
C LEU B 267 6.38 -10.97 12.64
N ARG B 268 6.21 -11.77 11.59
CA ARG B 268 6.95 -11.54 10.34
C ARG B 268 6.51 -10.23 9.70
N ASN B 269 5.20 -10.06 9.53
CA ASN B 269 4.62 -8.85 8.93
C ASN B 269 4.98 -7.60 9.73
N LEU B 270 4.82 -7.66 11.05
CA LEU B 270 5.11 -6.54 11.93
C LEU B 270 6.58 -6.13 11.90
N SER B 271 7.45 -7.07 11.52
CA SER B 271 8.88 -6.80 11.44
C SER B 271 9.33 -6.36 10.05
N TRP B 272 8.40 -6.31 9.11
CA TRP B 272 8.68 -5.87 7.75
C TRP B 272 8.30 -4.39 7.56
N ARG B 273 9.28 -3.58 7.17
CA ARG B 273 9.09 -2.15 6.95
C ARG B 273 8.45 -1.50 8.18
N ALA B 274 8.96 -1.87 9.35
CA ALA B 274 8.43 -1.39 10.61
C ALA B 274 8.94 0.00 10.96
N ASP B 275 8.09 0.80 11.60
CA ASP B 275 8.53 2.11 12.08
C ASP B 275 9.36 1.93 13.35
N VAL B 276 10.03 3.00 13.75
CA VAL B 276 10.99 2.96 14.86
C VAL B 276 10.37 2.53 16.20
N ASN B 277 9.12 2.95 16.44
CA ASN B 277 8.40 2.52 17.65
C ASN B 277 8.06 1.04 17.61
N SER B 278 7.73 0.55 16.41
CA SER B 278 7.41 -0.86 16.21
C SER B 278 8.63 -1.76 16.41
N LYS B 279 9.76 -1.38 15.82
CA LYS B 279 11.01 -2.12 16.00
C LYS B 279 11.41 -2.14 17.48
N LYS B 280 11.16 -1.04 18.18
CA LYS B 280 11.39 -0.91 19.62
C LYS B 280 10.53 -1.88 20.42
N THR B 281 9.24 -1.94 20.08
CA THR B 281 8.30 -2.80 20.80
C THR B 281 8.60 -4.27 20.56
N LEU B 282 8.78 -4.64 19.30
CA LEU B 282 9.11 -6.02 18.93
C LEU B 282 10.34 -6.50 19.69
N ARG B 283 11.29 -5.58 19.90
CA ARG B 283 12.48 -5.85 20.69
C ARG B 283 12.12 -6.03 22.17
N GLU B 284 11.35 -5.09 22.70
CA GLU B 284 11.03 -5.04 24.13
C GLU B 284 10.25 -6.26 24.63
N VAL B 285 9.30 -6.74 23.82
CA VAL B 285 8.51 -7.91 24.19
C VAL B 285 9.27 -9.22 23.98
N GLY B 286 10.55 -9.10 23.66
CA GLY B 286 11.45 -10.24 23.52
C GLY B 286 10.95 -11.29 22.56
N SER B 287 10.30 -10.83 21.49
CA SER B 287 9.77 -11.71 20.45
C SER B 287 10.89 -12.45 19.72
N VAL B 288 12.03 -11.78 19.57
CA VAL B 288 13.21 -12.37 18.94
C VAL B 288 13.62 -13.67 19.64
N LYS B 289 13.87 -13.57 20.95
CA LYS B 289 14.28 -14.71 21.75
C LYS B 289 13.20 -15.80 21.76
N ALA B 290 11.95 -15.38 21.91
CA ALA B 290 10.81 -16.28 21.95
C ALA B 290 10.69 -17.13 20.69
N LEU B 291 10.88 -16.49 19.54
CA LEU B 291 10.81 -17.16 18.25
C LEU B 291 11.92 -18.19 18.09
N MET B 292 13.14 -17.77 18.35
CA MET B 292 14.32 -18.63 18.27
C MET B 292 14.16 -19.85 19.16
N GLU B 293 13.63 -19.64 20.36
CA GLU B 293 13.41 -20.71 21.34
C GLU B 293 12.36 -21.74 20.87
N CYS B 294 11.35 -21.28 20.16
CA CYS B 294 10.31 -22.19 19.65
C CYS B 294 10.77 -22.87 18.37
N ALA B 295 11.70 -22.22 17.65
CA ALA B 295 12.29 -22.79 16.44
C ALA B 295 13.18 -23.98 16.75
N LEU B 296 13.78 -23.97 17.96
CA LEU B 296 14.60 -25.08 18.42
C LEU B 296 13.75 -26.31 18.76
N GLU B 297 12.43 -26.12 18.79
CA GLU B 297 11.52 -27.19 19.20
C GLU B 297 10.38 -27.50 18.23
N VAL B 298 10.31 -26.78 17.11
CA VAL B 298 9.26 -27.04 16.11
C VAL B 298 9.54 -28.30 15.30
N LYS B 299 8.46 -29.01 15.00
CA LYS B 299 8.55 -30.30 14.30
C LYS B 299 8.11 -30.17 12.84
N LYS B 300 7.02 -29.43 12.60
CA LYS B 300 6.48 -29.23 11.26
C LYS B 300 7.33 -28.28 10.41
N GLU B 301 7.50 -28.63 9.13
CA GLU B 301 8.30 -27.84 8.20
C GLU B 301 7.71 -26.45 7.98
N SER B 302 6.39 -26.40 7.78
CA SER B 302 5.66 -25.16 7.56
C SER B 302 5.83 -24.17 8.72
N THR B 303 5.72 -24.69 9.95
CA THR B 303 5.88 -23.89 11.15
C THR B 303 7.27 -23.29 11.18
N LEU B 304 8.29 -24.10 10.89
CA LEU B 304 9.66 -23.62 10.86
C LEU B 304 9.84 -22.55 9.80
N LYS B 305 9.32 -22.80 8.60
CA LYS B 305 9.37 -21.85 7.49
C LYS B 305 8.88 -20.48 7.93
N SER B 306 7.73 -20.47 8.59
CA SER B 306 7.12 -19.24 9.10
C SER B 306 7.99 -18.57 10.15
N VAL B 307 8.43 -19.35 11.15
CA VAL B 307 9.26 -18.84 12.24
C VAL B 307 10.57 -18.23 11.72
N LEU B 308 11.28 -18.98 10.86
CA LEU B 308 12.53 -18.50 10.27
C LEU B 308 12.33 -17.27 9.39
N SER B 309 11.16 -17.18 8.76
CA SER B 309 10.84 -16.05 7.90
C SER B 309 10.67 -14.77 8.73
N ALA B 310 10.18 -14.93 9.96
CA ALA B 310 10.04 -13.81 10.89
C ALA B 310 11.40 -13.34 11.44
N LEU B 311 12.20 -14.29 11.91
CA LEU B 311 13.52 -13.99 12.50
C LEU B 311 14.48 -13.33 11.51
N TRP B 312 14.35 -13.72 10.24
CA TRP B 312 15.15 -13.14 9.15
C TRP B 312 14.92 -11.63 9.03
N ASN B 313 13.66 -11.22 9.19
CA ASN B 313 13.32 -9.80 9.25
C ASN B 313 13.92 -9.12 10.47
N LEU B 314 13.71 -9.72 11.64
CA LEU B 314 14.13 -9.15 12.92
C LEU B 314 15.65 -9.07 13.09
N SER B 315 16.37 -10.00 12.48
CA SER B 315 17.83 -10.06 12.57
C SER B 315 18.53 -8.91 11.83
N ALA B 316 17.74 -8.12 11.10
CA ALA B 316 18.27 -6.98 10.35
C ALA B 316 18.07 -5.65 11.08
N HIS B 317 17.35 -5.70 12.20
CA HIS B 317 17.00 -4.50 12.96
C HIS B 317 18.20 -3.87 13.66
N CYS B 318 18.78 -4.61 14.61
CA CYS B 318 19.86 -4.08 15.45
C CYS B 318 20.82 -5.17 15.92
N THR B 319 22.01 -4.76 16.31
CA THR B 319 23.00 -5.69 16.90
C THR B 319 22.53 -6.23 18.24
N GLU B 320 21.52 -5.58 18.82
CA GLU B 320 20.89 -6.03 20.06
C GLU B 320 20.07 -7.29 19.79
N ASN B 321 19.35 -7.30 18.68
CA ASN B 321 18.58 -8.47 18.24
C ASN B 321 19.48 -9.61 17.74
N LYS B 322 20.57 -9.24 17.07
CA LYS B 322 21.58 -10.19 16.62
C LYS B 322 22.18 -10.93 17.81
N ALA B 323 22.53 -10.16 18.85
CA ALA B 323 23.07 -10.72 20.09
C ALA B 323 22.07 -11.61 20.80
N ASP B 324 20.81 -11.19 20.81
CA ASP B 324 19.72 -11.99 21.38
C ASP B 324 19.63 -13.38 20.76
N ILE B 325 19.83 -13.46 19.44
CA ILE B 325 19.84 -14.74 18.73
C ILE B 325 21.01 -15.59 19.20
N CYS B 326 22.21 -15.01 19.19
CA CYS B 326 23.43 -15.70 19.59
C CYS B 326 23.42 -16.16 21.05
N ALA B 327 22.71 -15.41 21.90
CA ALA B 327 22.61 -15.72 23.33
C ALA B 327 21.93 -17.06 23.63
N VAL B 328 20.94 -17.43 22.79
CA VAL B 328 20.19 -18.67 22.95
C VAL B 328 21.07 -19.90 22.72
N ASP B 329 20.98 -20.87 23.61
CA ASP B 329 21.79 -22.08 23.55
C ASP B 329 21.40 -22.96 22.36
N GLY B 330 22.40 -23.27 21.53
CA GLY B 330 22.22 -24.18 20.40
C GLY B 330 21.57 -23.55 19.19
N ALA B 331 21.19 -22.28 19.32
CA ALA B 331 20.56 -21.54 18.24
C ALA B 331 21.46 -21.47 17.01
N LEU B 332 22.72 -21.12 17.25
CA LEU B 332 23.73 -21.00 16.19
C LEU B 332 23.96 -22.33 15.47
N ALA B 333 24.08 -23.40 16.23
CA ALA B 333 24.20 -24.75 15.68
C ALA B 333 22.97 -25.07 14.82
N PHE B 334 21.80 -24.74 15.35
CA PHE B 334 20.53 -24.95 14.66
C PHE B 334 20.53 -24.25 13.31
N LEU B 335 20.93 -22.98 13.30
CA LEU B 335 21.02 -22.20 12.08
C LEU B 335 21.95 -22.85 11.07
N VAL B 336 23.15 -23.22 11.50
CA VAL B 336 24.10 -23.91 10.63
C VAL B 336 23.51 -25.24 10.14
N GLY B 337 22.74 -25.89 11.02
CA GLY B 337 21.99 -27.09 10.66
C GLY B 337 20.98 -26.87 9.55
N THR B 338 20.39 -25.68 9.51
CA THR B 338 19.39 -25.33 8.47
C THR B 338 20.04 -25.11 7.10
N LEU B 339 21.34 -24.85 7.09
CA LEU B 339 22.07 -24.56 5.85
C LEU B 339 22.17 -25.75 4.88
N THR B 340 21.63 -26.90 5.29
CA THR B 340 21.66 -28.12 4.47
C THR B 340 20.31 -28.85 4.44
N TYR B 341 19.34 -28.34 5.18
CA TYR B 341 18.01 -28.96 5.25
C TYR B 341 17.14 -28.52 4.09
N ARG B 342 16.69 -29.50 3.31
CA ARG B 342 15.80 -29.25 2.18
C ARG B 342 14.35 -29.60 2.54
N SER B 343 13.46 -28.65 2.31
CA SER B 343 12.05 -28.80 2.63
C SER B 343 11.35 -29.70 1.63
N GLN B 344 10.20 -30.24 2.01
CA GLN B 344 9.42 -31.10 1.12
C GLN B 344 8.75 -30.26 0.03
N THR B 345 8.02 -29.24 0.44
CA THR B 345 7.50 -28.23 -0.49
C THR B 345 8.40 -27.00 -0.41
N ASN B 346 8.67 -26.39 -1.57
CA ASN B 346 9.57 -25.25 -1.66
C ASN B 346 10.95 -25.65 -1.12
N THR B 347 11.63 -26.47 -1.91
CA THR B 347 12.84 -27.19 -1.47
C THR B 347 13.80 -26.35 -0.62
N LEU B 348 14.18 -25.19 -1.14
CA LEU B 348 15.25 -24.41 -0.56
C LEU B 348 14.76 -23.27 0.36
N ALA B 349 13.49 -23.34 0.75
CA ALA B 349 12.86 -22.31 1.59
C ALA B 349 13.55 -22.08 2.94
N ILE B 350 13.99 -23.17 3.58
CA ILE B 350 14.65 -23.07 4.89
C ILE B 350 16.14 -22.72 4.77
N ILE B 351 16.81 -23.24 3.74
CA ILE B 351 18.21 -22.91 3.47
C ILE B 351 18.37 -21.40 3.27
N GLU B 352 17.41 -20.82 2.55
CA GLU B 352 17.40 -19.39 2.27
C GLU B 352 17.21 -18.58 3.54
N SER B 353 16.14 -18.87 4.28
CA SER B 353 15.84 -18.11 5.50
C SER B 353 16.87 -18.33 6.61
N GLY B 354 17.37 -19.56 6.73
CA GLY B 354 18.42 -19.88 7.68
C GLY B 354 19.72 -19.15 7.39
N GLY B 355 20.19 -19.27 6.15
CA GLY B 355 21.39 -18.58 5.69
C GLY B 355 21.26 -17.07 5.76
N GLY B 356 20.03 -16.59 5.65
CA GLY B 356 19.73 -15.17 5.76
C GLY B 356 19.90 -14.65 7.17
N ILE B 357 19.37 -15.39 8.15
CA ILE B 357 19.51 -15.02 9.55
C ILE B 357 21.00 -15.02 9.90
N LEU B 358 21.67 -16.11 9.52
CA LEU B 358 23.11 -16.26 9.73
C LEU B 358 23.89 -15.14 9.04
N ARG B 359 23.46 -14.78 7.82
CA ARG B 359 24.08 -13.69 7.06
C ARG B 359 24.07 -12.40 7.87
N ASN B 360 22.95 -12.14 8.55
CA ASN B 360 22.81 -10.96 9.39
C ASN B 360 23.67 -11.05 10.65
N VAL B 361 23.54 -12.15 11.37
CA VAL B 361 24.21 -12.33 12.66
C VAL B 361 25.72 -12.59 12.54
N SER B 362 26.18 -12.86 11.32
CA SER B 362 27.61 -13.11 11.05
C SER B 362 28.49 -11.90 11.40
N SER B 363 27.89 -10.71 11.39
CA SER B 363 28.59 -9.47 11.75
C SER B 363 29.06 -9.51 13.20
N LEU B 364 28.26 -10.12 14.07
CA LEU B 364 28.58 -10.21 15.49
C LEU B 364 29.50 -11.39 15.78
N ILE B 365 29.24 -12.53 15.13
CA ILE B 365 30.01 -13.76 15.34
C ILE B 365 31.51 -13.55 15.10
N ALA B 366 31.83 -12.66 14.18
CA ALA B 366 33.23 -12.34 13.83
C ALA B 366 34.08 -11.88 15.02
N THR B 367 33.43 -11.27 16.01
CA THR B 367 34.12 -10.78 17.22
C THR B 367 34.31 -11.89 18.28
N ASN B 368 33.51 -12.96 18.17
CA ASN B 368 33.53 -14.05 19.15
C ASN B 368 34.15 -15.34 18.62
N GLU B 369 35.20 -15.81 19.29
CA GLU B 369 35.85 -17.07 18.93
C GLU B 369 34.98 -18.27 19.27
N ASP B 370 34.33 -18.24 20.43
CA ASP B 370 33.45 -19.33 20.86
C ASP B 370 32.33 -19.53 19.86
N HIS B 371 31.77 -18.44 19.35
CA HIS B 371 30.68 -18.48 18.38
C HIS B 371 31.19 -18.81 16.98
N ARG B 372 32.46 -18.54 16.72
CA ARG B 372 33.12 -19.01 15.51
C ARG B 372 33.41 -20.50 15.62
N GLN B 373 33.64 -20.97 16.86
CA GLN B 373 33.91 -22.37 17.14
C GLN B 373 32.66 -23.23 16.97
N ILE B 374 31.54 -22.78 17.54
CA ILE B 374 30.24 -23.42 17.34
C ILE B 374 29.96 -23.54 15.85
N LEU B 375 30.34 -22.50 15.11
CA LEU B 375 30.20 -22.45 13.66
C LEU B 375 31.14 -23.43 12.99
N ARG B 376 32.36 -23.52 13.49
CA ARG B 376 33.37 -24.44 12.94
C ARG B 376 33.06 -25.91 13.21
N GLU B 377 32.56 -26.21 14.40
CA GLU B 377 32.29 -27.60 14.79
C GLU B 377 30.99 -28.16 14.17
N ASN B 378 30.15 -27.27 13.65
CA ASN B 378 28.99 -27.70 12.87
C ASN B 378 29.18 -27.55 11.36
N ASN B 379 30.44 -27.37 10.96
CA ASN B 379 30.89 -27.43 9.57
C ASN B 379 30.32 -26.32 8.68
N CYS B 380 30.28 -25.10 9.22
CA CYS B 380 29.67 -23.96 8.55
C CYS B 380 30.47 -23.44 7.37
N LEU B 381 31.74 -23.12 7.61
CA LEU B 381 32.59 -22.52 6.58
C LEU B 381 32.60 -23.33 5.28
N GLN B 382 32.62 -24.65 5.43
CA GLN B 382 32.67 -25.57 4.29
C GLN B 382 31.34 -25.59 3.55
N THR B 383 30.24 -25.51 4.31
CA THR B 383 28.89 -25.46 3.73
C THR B 383 28.69 -24.19 2.89
N LEU B 384 29.15 -23.07 3.41
CA LEU B 384 29.02 -21.77 2.74
C LEU B 384 29.68 -21.74 1.36
N LEU B 385 30.73 -22.54 1.20
CA LEU B 385 31.42 -22.66 -0.08
C LEU B 385 30.60 -23.51 -1.06
N GLN B 386 29.95 -24.55 -0.55
CA GLN B 386 29.05 -25.37 -1.35
C GLN B 386 27.81 -24.58 -1.77
N HIS B 387 27.49 -23.55 -0.99
CA HIS B 387 26.42 -22.62 -1.30
C HIS B 387 26.75 -21.72 -2.49
N LEU B 388 28.05 -21.48 -2.71
CA LEU B 388 28.50 -20.67 -3.83
C LEU B 388 28.24 -21.37 -5.17
N LYS B 389 28.22 -22.68 -5.14
CA LYS B 389 27.96 -23.49 -6.32
C LYS B 389 26.47 -23.58 -6.65
N SER B 390 25.64 -23.01 -5.77
CA SER B 390 24.18 -23.05 -5.94
C SER B 390 23.69 -22.18 -7.10
N HIS B 391 22.55 -22.57 -7.64
CA HIS B 391 21.91 -21.91 -8.77
C HIS B 391 20.93 -20.83 -8.28
N SER B 392 20.78 -20.74 -6.96
CA SER B 392 19.84 -19.80 -6.33
C SER B 392 20.46 -18.44 -6.04
N LEU B 393 19.73 -17.39 -6.37
CA LEU B 393 20.16 -16.01 -6.14
C LEU B 393 20.28 -15.72 -4.64
N THR B 394 19.28 -16.16 -3.89
CA THR B 394 19.21 -15.93 -2.45
C THR B 394 20.34 -16.65 -1.70
N ILE B 395 20.54 -17.93 -2.02
CA ILE B 395 21.53 -18.77 -1.36
C ILE B 395 22.95 -18.23 -1.53
N VAL B 396 23.33 -17.94 -2.78
CA VAL B 396 24.65 -17.37 -3.09
C VAL B 396 24.85 -16.06 -2.33
N SER B 397 23.85 -15.17 -2.40
CA SER B 397 23.92 -13.86 -1.76
C SER B 397 24.15 -13.94 -0.25
N ASN B 398 23.54 -14.93 0.40
CA ASN B 398 23.73 -15.14 1.83
C ASN B 398 25.14 -15.58 2.15
N ALA B 399 25.63 -16.59 1.42
CA ALA B 399 26.96 -17.14 1.62
C ALA B 399 28.06 -16.08 1.50
N CYS B 400 27.95 -15.24 0.46
CA CYS B 400 28.90 -14.13 0.25
C CYS B 400 28.89 -13.15 1.40
N GLY B 401 27.70 -12.73 1.81
CA GLY B 401 27.52 -11.83 2.94
C GLY B 401 28.02 -12.43 4.24
N THR B 402 27.83 -13.74 4.40
CA THR B 402 28.30 -14.45 5.58
C THR B 402 29.83 -14.57 5.58
N LEU B 403 30.38 -14.95 4.43
CA LEU B 403 31.83 -15.11 4.28
C LEU B 403 32.56 -13.79 4.36
N TRP B 404 31.90 -12.72 3.93
CA TRP B 404 32.43 -11.36 4.03
C TRP B 404 32.88 -11.07 5.45
N ASN B 405 31.94 -11.15 6.39
CA ASN B 405 32.20 -10.85 7.79
C ASN B 405 33.12 -11.85 8.47
N LEU B 406 33.16 -13.08 7.95
CA LEU B 406 33.94 -14.16 8.58
C LEU B 406 35.39 -14.24 8.11
N SER B 407 35.68 -13.68 6.93
CA SER B 407 37.03 -13.74 6.36
C SER B 407 38.01 -12.70 6.91
N ALA B 408 37.49 -11.71 7.65
CA ALA B 408 38.31 -10.63 8.19
C ALA B 408 38.59 -10.76 9.69
N ARG B 409 39.76 -10.27 10.10
CA ARG B 409 40.16 -10.18 11.51
C ARG B 409 40.14 -11.52 12.27
N ASN B 410 40.50 -12.59 11.58
CA ASN B 410 40.62 -13.92 12.18
C ASN B 410 41.44 -14.89 11.31
N PRO B 411 42.74 -15.02 11.62
CA PRO B 411 43.64 -15.96 10.92
C PRO B 411 43.23 -17.42 11.11
N LYS B 412 42.66 -17.74 12.27
CA LYS B 412 42.27 -19.12 12.61
C LYS B 412 41.32 -19.71 11.57
N ASP B 413 40.43 -18.88 11.03
CA ASP B 413 39.47 -19.30 10.02
C ASP B 413 39.91 -18.94 8.59
N GLN B 414 40.59 -17.80 8.44
CA GLN B 414 41.00 -17.35 7.10
C GLN B 414 42.13 -18.22 6.51
N GLU B 415 42.82 -18.96 7.36
CA GLU B 415 43.75 -19.98 6.88
C GLU B 415 42.95 -21.23 6.49
N ALA B 416 41.86 -21.48 7.22
CA ALA B 416 41.00 -22.64 6.97
C ALA B 416 40.27 -22.52 5.65
N LEU B 417 39.96 -21.28 5.26
CA LEU B 417 39.33 -21.00 3.98
C LEU B 417 40.32 -21.22 2.83
N TRP B 418 41.56 -20.79 3.05
CA TRP B 418 42.65 -21.02 2.09
C TRP B 418 42.89 -22.51 1.87
N ASP B 419 42.96 -23.27 2.97
CA ASP B 419 43.15 -24.72 2.92
C ASP B 419 41.94 -25.45 2.34
N MET B 420 40.82 -24.74 2.26
CA MET B 420 39.61 -25.26 1.62
C MET B 420 39.54 -24.93 0.13
N GLY B 421 40.36 -23.98 -0.30
CA GLY B 421 40.42 -23.56 -1.70
C GLY B 421 39.26 -22.65 -2.08
N ALA B 422 39.04 -21.62 -1.26
CA ALA B 422 37.97 -20.66 -1.48
C ALA B 422 38.32 -19.66 -2.57
N VAL B 423 39.62 -19.40 -2.73
CA VAL B 423 40.14 -18.45 -3.72
C VAL B 423 39.73 -18.85 -5.13
N SER B 424 39.85 -20.14 -5.43
CA SER B 424 39.49 -20.71 -6.73
C SER B 424 37.98 -20.72 -6.97
N MET B 425 37.21 -20.32 -5.95
CA MET B 425 35.74 -20.32 -6.03
C MET B 425 35.16 -18.91 -6.07
N LEU B 426 35.81 -17.99 -5.38
CA LEU B 426 35.34 -16.60 -5.28
C LEU B 426 35.57 -15.82 -6.56
N LYS B 427 36.66 -16.13 -7.27
CA LYS B 427 37.00 -15.46 -8.52
C LYS B 427 35.98 -15.72 -9.63
N ASN B 428 35.19 -16.77 -9.46
CA ASN B 428 34.06 -17.07 -10.34
C ASN B 428 32.92 -16.07 -10.19
N LEU B 429 32.86 -15.42 -9.02
CA LEU B 429 31.71 -14.59 -8.66
C LEU B 429 32.02 -13.09 -8.52
N ILE B 430 33.26 -12.69 -8.81
CA ILE B 430 33.64 -11.28 -8.77
C ILE B 430 33.07 -10.49 -9.94
N HIS B 431 32.79 -11.18 -11.05
CA HIS B 431 32.21 -10.57 -12.25
C HIS B 431 30.72 -10.93 -12.42
N SER B 432 30.01 -11.11 -11.30
CA SER B 432 28.60 -11.53 -11.33
C SER B 432 27.65 -10.39 -11.70
N LYS B 433 26.39 -10.75 -11.96
CA LYS B 433 25.37 -9.80 -12.42
C LYS B 433 24.81 -8.89 -11.32
N HIS B 434 25.00 -9.28 -10.07
CA HIS B 434 24.58 -8.45 -8.93
C HIS B 434 25.72 -8.11 -7.99
N LYS B 435 25.80 -6.82 -7.64
CA LYS B 435 26.85 -6.28 -6.77
C LYS B 435 27.01 -7.03 -5.45
N MET B 436 25.89 -7.39 -4.82
CA MET B 436 25.89 -8.09 -3.53
C MET B 436 26.78 -9.31 -3.52
N ILE B 437 26.74 -10.08 -4.61
CA ILE B 437 27.62 -11.21 -4.79
C ILE B 437 29.02 -10.70 -5.17
N ALA B 438 29.09 -9.84 -6.17
CA ALA B 438 30.35 -9.30 -6.69
C ALA B 438 31.20 -8.58 -5.63
N MET B 439 30.57 -7.76 -4.82
CA MET B 439 31.25 -7.07 -3.72
C MET B 439 31.51 -7.99 -2.54
N GLY B 440 30.61 -8.97 -2.34
CA GLY B 440 30.80 -10.00 -1.33
C GLY B 440 31.98 -10.90 -1.66
N SER B 441 32.21 -11.09 -2.96
CA SER B 441 33.29 -11.94 -3.46
C SER B 441 34.66 -11.29 -3.33
N ALA B 442 34.78 -10.08 -3.87
CA ALA B 442 36.06 -9.37 -3.95
C ALA B 442 36.57 -8.92 -2.58
N ALA B 443 35.65 -8.55 -1.70
CA ALA B 443 35.99 -8.14 -0.34
C ALA B 443 36.51 -9.31 0.49
N ALA B 444 35.86 -10.46 0.33
CA ALA B 444 36.32 -11.70 0.97
C ALA B 444 37.63 -12.15 0.37
N LEU B 445 37.81 -11.88 -0.93
CA LEU B 445 39.06 -12.16 -1.64
C LEU B 445 40.19 -11.26 -1.12
N ARG B 446 39.85 -10.01 -0.81
CA ARG B 446 40.79 -9.05 -0.26
C ARG B 446 41.26 -9.44 1.13
N ASN B 447 40.34 -9.94 1.95
CA ASN B 447 40.64 -10.43 3.29
C ASN B 447 41.56 -11.66 3.29
N LEU B 448 41.38 -12.51 2.28
CA LEU B 448 42.17 -13.73 2.14
C LEU B 448 43.55 -13.46 1.53
N MET B 449 43.59 -12.61 0.51
CA MET B 449 44.84 -12.26 -0.16
C MET B 449 45.82 -11.53 0.77
N ALA B 450 45.29 -10.88 1.80
CA ALA B 450 46.09 -10.24 2.84
C ALA B 450 46.86 -11.27 3.68
N ASN B 451 46.29 -12.46 3.81
CA ASN B 451 46.92 -13.56 4.54
C ASN B 451 47.32 -14.71 3.61
N ARG B 452 48.54 -14.63 3.09
CA ARG B 452 49.09 -15.65 2.18
C ARG B 452 50.31 -16.32 2.82
N SER C 12 16.29 -16.29 -17.34
CA SER C 12 16.64 -16.54 -15.91
C SER C 12 15.52 -16.05 -14.99
N HIS C 13 14.85 -17.01 -14.34
CA HIS C 13 13.75 -16.72 -13.42
C HIS C 13 14.16 -16.91 -11.97
N HIS C 14 13.66 -16.05 -11.09
CA HIS C 14 13.98 -16.14 -9.66
C HIS C 14 12.71 -16.17 -8.80
N TYR C 15 12.44 -17.34 -8.24
CA TYR C 15 11.25 -17.58 -7.43
C TYR C 15 11.44 -17.08 -6.01
N SER C 16 12.68 -16.72 -5.70
CA SER C 16 13.08 -16.40 -4.33
C SER C 16 13.68 -15.01 -4.24
N HIS C 17 12.97 -14.10 -3.56
CA HIS C 17 13.49 -12.74 -3.31
C HIS C 17 14.35 -12.69 -2.04
N PRO C 18 15.63 -12.28 -2.18
CA PRO C 18 16.67 -12.36 -1.15
C PRO C 18 16.70 -11.22 -0.12
N GLY C 19 15.72 -10.33 -0.15
CA GLY C 19 15.69 -9.19 0.77
C GLY C 19 15.67 -9.62 2.23
N GLY C 20 14.58 -10.26 2.62
CA GLY C 20 14.41 -10.76 3.98
C GLY C 20 13.24 -11.73 3.99
N GLY C 21 12.55 -11.82 5.12
CA GLY C 21 11.37 -12.67 5.24
C GLY C 21 10.16 -12.08 4.56
N GLY C 22 10.17 -10.75 4.37
CA GLY C 22 9.09 -10.05 3.69
C GLY C 22 7.79 -10.04 4.48
N GLU C 23 6.69 -9.88 3.75
CA GLU C 23 5.35 -9.93 4.33
C GLU C 23 4.40 -10.72 3.44
N GLN C 24 3.46 -11.41 4.07
CA GLN C 24 2.43 -12.15 3.34
C GLN C 24 1.08 -12.16 4.02
N LEU C 25 0.09 -12.68 3.30
CA LEU C 25 -1.23 -12.92 3.84
C LEU C 25 -1.20 -14.29 4.52
N ALA C 26 -2.35 -14.75 5.00
CA ALA C 26 -2.41 -16.01 5.75
C ALA C 26 -2.77 -17.21 4.88
N ILE C 27 -2.18 -17.29 3.68
CA ILE C 27 -2.47 -18.39 2.75
C ILE C 27 -1.95 -19.74 3.27
N ASN C 28 -0.67 -19.77 3.63
CA ASN C 28 -0.05 -20.98 4.19
C ASN C 28 -0.78 -21.49 5.43
N GLU C 29 -1.45 -20.56 6.13
CA GLU C 29 -2.22 -20.88 7.31
C GLU C 29 -3.56 -21.54 6.96
N LEU C 30 -4.05 -21.25 5.76
CA LEU C 30 -5.28 -21.88 5.28
C LEU C 30 -5.06 -23.35 4.96
N ILE C 31 -3.79 -23.72 4.78
CA ILE C 31 -3.41 -25.11 4.53
C ILE C 31 -3.23 -25.87 5.85
N SER C 32 -2.49 -25.27 6.77
CA SER C 32 -2.03 -25.92 8.02
C SER C 32 -2.98 -26.92 8.66
N ASP C 33 -4.24 -26.51 8.85
CA ASP C 33 -5.24 -27.30 9.57
C ASP C 33 -5.63 -28.62 8.89
N GLY C 34 -5.01 -28.92 7.75
CA GLY C 34 -5.25 -30.18 7.04
C GLY C 34 -6.20 -30.06 5.87
N SER C 35 -6.96 -28.95 5.83
CA SER C 35 -7.90 -28.69 4.75
C SER C 35 -7.15 -28.28 3.48
N VAL C 36 -7.78 -28.51 2.33
CA VAL C 36 -7.17 -28.21 1.03
C VAL C 36 -7.73 -26.90 0.47
N VAL C 37 -6.83 -25.96 0.16
CA VAL C 37 -7.22 -24.72 -0.50
C VAL C 37 -6.59 -24.65 -1.90
N CYS C 38 -7.38 -24.17 -2.86
CA CYS C 38 -6.95 -24.09 -4.24
C CYS C 38 -7.37 -22.78 -4.90
N ALA C 39 -6.86 -22.55 -6.11
CA ALA C 39 -7.03 -21.28 -6.80
C ALA C 39 -7.38 -21.46 -8.28
N GLU C 40 -8.23 -20.59 -8.81
CA GLU C 40 -8.64 -20.65 -10.22
C GLU C 40 -7.69 -19.88 -11.13
N ALA C 41 -7.37 -20.47 -12.28
CA ALA C 41 -6.49 -19.85 -13.26
C ALA C 41 -7.21 -18.79 -14.06
N LEU C 42 -6.59 -17.62 -14.15
CA LEU C 42 -7.15 -16.48 -14.86
C LEU C 42 -6.57 -16.40 -16.27
N TRP C 43 -5.36 -16.91 -16.44
CA TRP C 43 -4.71 -16.99 -17.75
C TRP C 43 -3.91 -18.28 -17.90
N ASP C 44 -3.64 -18.65 -19.15
CA ASP C 44 -2.75 -19.76 -19.46
C ASP C 44 -1.33 -19.43 -19.01
N HIS C 45 -0.74 -20.31 -18.20
CA HIS C 45 0.65 -20.17 -17.82
C HIS C 45 1.49 -21.06 -18.73
N VAL C 46 2.20 -20.43 -19.66
CA VAL C 46 3.01 -21.16 -20.63
C VAL C 46 4.47 -21.18 -20.18
N THR C 47 4.99 -22.39 -19.99
CA THR C 47 6.38 -22.59 -19.57
C THR C 47 6.96 -23.87 -20.16
N MET C 48 8.27 -23.84 -20.42
CA MET C 48 8.98 -24.99 -20.97
C MET C 48 9.89 -25.61 -19.93
N ASP C 49 9.89 -25.02 -18.73
CA ASP C 49 10.76 -25.44 -17.63
C ASP C 49 10.10 -26.47 -16.72
N ASP C 50 10.81 -27.56 -16.47
CA ASP C 50 10.34 -28.64 -15.59
C ASP C 50 10.17 -28.19 -14.14
N GLN C 51 10.84 -27.09 -13.78
CA GLN C 51 10.73 -26.49 -12.46
C GLN C 51 9.39 -25.78 -12.25
N GLU C 52 8.73 -25.43 -13.35
CA GLU C 52 7.52 -24.61 -13.30
C GLU C 52 6.26 -25.38 -13.69
N LEU C 53 5.15 -25.05 -13.04
CA LEU C 53 3.86 -25.67 -13.32
C LEU C 53 3.03 -24.83 -14.28
N GLY C 54 3.01 -25.23 -15.55
CA GLY C 54 2.17 -24.59 -16.55
C GLY C 54 0.72 -25.01 -16.42
N PHE C 55 -0.18 -24.16 -16.88
CA PHE C 55 -1.63 -24.47 -16.87
C PHE C 55 -2.42 -23.61 -17.86
N LYS C 56 -3.71 -23.89 -17.96
CA LYS C 56 -4.62 -23.11 -18.80
C LYS C 56 -5.62 -22.35 -17.94
N ALA C 57 -6.14 -21.25 -18.47
CA ALA C 57 -7.15 -20.46 -17.77
C ALA C 57 -8.37 -21.31 -17.42
N GLY C 58 -8.88 -21.13 -16.20
CA GLY C 58 -10.02 -21.90 -15.72
C GLY C 58 -9.62 -23.16 -14.97
N ASP C 59 -8.34 -23.51 -15.03
CA ASP C 59 -7.81 -24.66 -14.30
C ASP C 59 -7.72 -24.35 -12.81
N VAL C 60 -8.08 -25.33 -11.98
CA VAL C 60 -8.02 -25.18 -10.53
C VAL C 60 -6.72 -25.78 -9.99
N ILE C 61 -5.84 -24.91 -9.50
CA ILE C 61 -4.53 -25.31 -9.00
C ILE C 61 -4.51 -25.24 -7.48
N GLU C 62 -4.07 -26.34 -6.85
CA GLU C 62 -3.90 -26.38 -5.40
C GLU C 62 -2.58 -25.75 -5.03
N VAL C 63 -2.65 -24.66 -4.28
CA VAL C 63 -1.44 -23.98 -3.82
C VAL C 63 -0.87 -24.74 -2.63
N MET C 64 0.40 -25.13 -2.76
CA MET C 64 1.07 -25.93 -1.74
C MET C 64 2.01 -25.08 -0.90
N ASP C 65 2.59 -24.06 -1.54
CA ASP C 65 3.41 -23.08 -0.82
C ASP C 65 3.17 -21.67 -1.34
N ALA C 66 2.87 -20.74 -0.42
CA ALA C 66 2.71 -19.34 -0.75
C ALA C 66 3.44 -18.46 0.26
N THR C 67 4.71 -18.80 0.51
CA THR C 67 5.56 -18.02 1.40
C THR C 67 6.00 -16.76 0.68
N ASN C 68 6.51 -16.92 -0.53
CA ASN C 68 6.92 -15.82 -1.38
C ASN C 68 5.70 -15.09 -1.93
N ARG C 69 5.90 -13.85 -2.37
CA ARG C 69 4.78 -13.06 -2.88
C ARG C 69 4.63 -13.21 -4.38
N GLU C 70 5.75 -13.30 -5.08
CA GLU C 70 5.76 -13.45 -6.54
C GLU C 70 5.37 -14.85 -7.01
N TRP C 71 6.10 -15.86 -6.55
CA TRP C 71 5.92 -17.23 -7.03
C TRP C 71 5.36 -18.17 -5.97
N TRP C 72 4.36 -18.97 -6.36
CA TRP C 72 3.81 -20.01 -5.49
C TRP C 72 4.08 -21.41 -6.05
N TRP C 73 4.35 -22.35 -5.15
CA TRP C 73 4.46 -23.76 -5.54
C TRP C 73 3.07 -24.37 -5.51
N GLY C 74 2.66 -24.91 -6.65
CA GLY C 74 1.33 -25.51 -6.79
C GLY C 74 1.37 -26.87 -7.46
N ARG C 75 0.25 -27.57 -7.42
CA ARG C 75 0.19 -28.93 -7.94
C ARG C 75 -1.15 -29.23 -8.59
N VAL C 76 -1.09 -29.84 -9.76
CA VAL C 76 -2.26 -30.44 -10.39
C VAL C 76 -2.03 -31.95 -10.51
N ALA C 77 -3.08 -32.69 -10.82
CA ALA C 77 -3.01 -34.15 -10.95
C ALA C 77 -1.90 -34.62 -11.89
N ASP C 78 -1.37 -33.69 -12.70
CA ASP C 78 -0.29 -33.99 -13.64
C ASP C 78 1.06 -33.91 -12.95
N GLY C 79 1.32 -32.79 -12.28
CA GLY C 79 2.59 -32.57 -11.62
C GLY C 79 2.60 -31.30 -10.80
N GLU C 80 3.79 -30.81 -10.51
CA GLU C 80 3.97 -29.67 -9.61
C GLU C 80 5.13 -28.78 -10.07
N GLY C 81 5.09 -27.51 -9.65
CA GLY C 81 6.12 -26.55 -10.00
C GLY C 81 5.78 -25.13 -9.60
N TRP C 82 6.68 -24.20 -9.91
CA TRP C 82 6.46 -22.79 -9.62
C TRP C 82 5.50 -22.15 -10.62
N PHE C 83 4.77 -21.15 -10.15
CA PHE C 83 3.96 -20.30 -11.02
C PHE C 83 3.77 -18.92 -10.37
N PRO C 84 3.54 -17.87 -11.19
CA PRO C 84 3.35 -16.56 -10.61
C PRO C 84 1.93 -16.38 -10.09
N ALA C 85 1.83 -15.91 -8.84
CA ALA C 85 0.54 -15.72 -8.16
C ALA C 85 -0.45 -14.86 -8.95
N SER C 86 0.09 -13.96 -9.77
CA SER C 86 -0.70 -13.04 -10.59
C SER C 86 -1.72 -13.77 -11.46
N PHE C 87 -1.34 -14.97 -11.91
CA PHE C 87 -2.14 -15.77 -12.84
C PHE C 87 -3.33 -16.43 -12.16
N VAL C 88 -3.55 -16.13 -10.89
CA VAL C 88 -4.43 -16.93 -10.06
C VAL C 88 -5.25 -16.11 -9.08
N ARG C 89 -6.56 -16.38 -9.03
CA ARG C 89 -7.41 -15.92 -7.95
C ARG C 89 -7.65 -17.11 -7.03
N LEU C 90 -7.35 -16.95 -5.74
CA LEU C 90 -7.54 -18.07 -4.80
C LEU C 90 -8.91 -18.06 -4.13
N ARG C 91 -9.49 -19.25 -4.02
CA ARG C 91 -10.79 -19.41 -3.40
C ARG C 91 -10.62 -19.70 -1.91
N VAL C 92 -11.13 -18.77 -1.09
CA VAL C 92 -10.98 -18.84 0.36
C VAL C 92 -11.93 -19.87 0.99
N ASN C 93 -13.19 -19.87 0.55
CA ASN C 93 -14.22 -20.76 1.08
C ASN C 93 -14.00 -22.25 0.76
N GLN C 94 -14.91 -23.08 1.24
CA GLN C 94 -14.88 -24.54 1.04
C GLN C 94 -14.53 -24.95 -0.39
N ASP C 95 -13.69 -25.98 -0.51
CA ASP C 95 -13.27 -26.49 -1.81
C ASP C 95 -13.20 -28.02 -1.82
N SER D 11 -19.34 -13.54 -17.52
CA SER D 11 -18.83 -12.18 -17.85
C SER D 11 -17.37 -12.22 -18.32
N SER D 12 -17.09 -11.47 -19.39
CA SER D 12 -15.75 -11.38 -19.97
C SER D 12 -14.78 -10.60 -19.08
N HIS D 13 -13.55 -10.41 -19.56
CA HIS D 13 -12.57 -9.58 -18.88
C HIS D 13 -13.07 -8.14 -18.74
N HIS D 14 -13.24 -7.70 -17.51
CA HIS D 14 -13.66 -6.33 -17.23
C HIS D 14 -12.46 -5.40 -17.13
N TYR D 15 -12.24 -4.62 -18.18
CA TYR D 15 -11.23 -3.56 -18.17
C TYR D 15 -11.80 -2.33 -17.45
N SER D 16 -13.06 -2.48 -17.02
CA SER D 16 -13.96 -1.37 -16.66
C SER D 16 -13.54 -0.46 -15.50
N HIS D 17 -13.35 -1.00 -14.30
CA HIS D 17 -13.04 -0.21 -13.08
C HIS D 17 -14.15 0.83 -12.76
N PRO D 18 -15.32 0.37 -12.27
CA PRO D 18 -16.51 1.22 -12.20
C PRO D 18 -16.70 2.11 -10.95
N GLY D 19 -15.91 1.86 -9.89
CA GLY D 19 -16.05 2.60 -8.64
C GLY D 19 -15.89 4.11 -8.81
N GLY D 20 -14.72 4.51 -9.28
CA GLY D 20 -14.40 5.90 -9.59
C GLY D 20 -13.16 5.94 -10.45
N GLY D 21 -12.60 7.13 -10.63
CA GLY D 21 -11.37 7.26 -11.40
C GLY D 21 -10.17 7.27 -10.48
N GLY D 22 -9.93 6.13 -9.82
CA GLY D 22 -8.91 6.01 -8.79
C GLY D 22 -7.48 6.35 -9.17
N GLU D 23 -6.55 6.04 -8.27
CA GLU D 23 -5.15 6.43 -8.39
C GLU D 23 -4.34 5.57 -9.38
N GLN D 24 -3.27 6.17 -9.90
CA GLN D 24 -2.30 5.49 -10.76
C GLN D 24 -0.94 6.20 -10.71
N LEU D 25 0.12 5.48 -11.03
CA LEU D 25 1.45 6.08 -11.21
C LEU D 25 1.41 7.03 -12.42
N ALA D 26 2.53 7.70 -12.69
CA ALA D 26 2.57 8.72 -13.75
C ALA D 26 2.95 8.16 -15.12
N ILE D 27 2.33 7.04 -15.51
CA ILE D 27 2.65 6.38 -16.78
C ILE D 27 2.21 7.21 -18.00
N ASN D 28 0.92 7.54 -18.07
CA ASN D 28 0.37 8.33 -19.18
C ASN D 28 1.17 9.61 -19.44
N GLU D 29 1.82 10.10 -18.38
CA GLU D 29 2.56 11.35 -18.42
C GLU D 29 3.94 11.23 -19.08
N LEU D 30 4.36 10.00 -19.34
CA LEU D 30 5.62 9.74 -20.02
C LEU D 30 5.46 9.80 -21.54
N ILE D 31 4.24 9.54 -22.01
CA ILE D 31 3.89 9.58 -23.43
C ILE D 31 3.62 11.01 -23.90
N SER D 32 3.20 11.86 -22.96
CA SER D 32 2.82 13.25 -23.23
C SER D 32 3.86 14.07 -24.02
N ASP D 33 5.14 13.79 -23.77
CA ASP D 33 6.25 14.45 -24.48
C ASP D 33 6.18 14.20 -25.99
N GLY D 34 5.51 13.10 -26.36
CA GLY D 34 5.56 12.59 -27.71
C GLY D 34 6.53 11.42 -27.76
N SER D 35 7.25 11.22 -26.66
CA SER D 35 8.18 10.12 -26.50
C SER D 35 7.44 8.79 -26.36
N VAL D 36 8.06 7.71 -26.81
CA VAL D 36 7.44 6.39 -26.84
C VAL D 36 7.91 5.53 -25.67
N VAL D 37 6.98 5.11 -24.82
CA VAL D 37 7.31 4.23 -23.70
C VAL D 37 7.16 2.76 -24.05
N CYS D 38 8.11 1.95 -23.58
CA CYS D 38 8.14 0.53 -23.88
C CYS D 38 7.95 -0.32 -22.64
N ALA D 39 7.56 -1.58 -22.85
CA ALA D 39 7.42 -2.56 -21.79
C ALA D 39 7.73 -3.95 -22.34
N GLU D 40 8.64 -4.65 -21.68
CA GLU D 40 9.04 -6.00 -22.09
C GLU D 40 8.14 -7.05 -21.44
N ALA D 41 7.58 -7.93 -22.26
CA ALA D 41 6.67 -8.98 -21.77
C ALA D 41 7.41 -10.04 -20.98
N LEU D 42 6.90 -10.35 -19.78
CA LEU D 42 7.52 -11.33 -18.90
C LEU D 42 7.09 -12.75 -19.24
N TRP D 43 5.81 -12.92 -19.56
CA TRP D 43 5.25 -14.22 -19.94
C TRP D 43 4.38 -14.08 -21.19
N ASP D 44 4.10 -15.20 -21.85
CA ASP D 44 3.19 -15.19 -22.99
C ASP D 44 1.80 -14.75 -22.55
N HIS D 45 1.15 -13.93 -23.38
CA HIS D 45 -0.26 -13.61 -23.18
C HIS D 45 -1.09 -14.30 -24.25
N VAL D 46 -1.82 -15.33 -23.82
CA VAL D 46 -2.65 -16.10 -24.73
C VAL D 46 -4.08 -15.58 -24.68
N THR D 47 -4.51 -14.99 -25.80
CA THR D 47 -5.89 -14.54 -25.95
C THR D 47 -6.36 -14.72 -27.38
N MET D 48 -7.58 -15.23 -27.53
CA MET D 48 -8.22 -15.39 -28.83
C MET D 48 -9.32 -14.35 -28.98
N ASP D 49 -9.16 -13.22 -28.29
CA ASP D 49 -10.08 -12.11 -28.36
C ASP D 49 -9.45 -10.96 -29.15
N ASP D 50 -10.05 -10.68 -30.31
CA ASP D 50 -9.58 -9.60 -31.20
C ASP D 50 -9.63 -8.23 -30.53
N GLN D 51 -10.31 -8.16 -29.39
CA GLN D 51 -10.37 -6.95 -28.57
C GLN D 51 -9.09 -6.81 -27.74
N GLU D 52 -8.45 -7.94 -27.47
CA GLU D 52 -7.23 -7.98 -26.64
C GLU D 52 -5.98 -8.23 -27.47
N LEU D 53 -4.83 -7.88 -26.88
CA LEU D 53 -3.54 -7.99 -27.56
C LEU D 53 -2.70 -9.13 -26.97
N GLY D 54 -2.64 -10.24 -27.69
CA GLY D 54 -1.80 -11.36 -27.29
C GLY D 54 -0.35 -11.12 -27.65
N PHE D 55 0.56 -11.72 -26.90
CA PHE D 55 2.00 -11.61 -27.18
C PHE D 55 2.82 -12.76 -26.58
N LYS D 56 4.13 -12.71 -26.80
CA LYS D 56 5.06 -13.71 -26.26
C LYS D 56 6.07 -13.06 -25.32
N ALA D 57 6.72 -13.86 -24.49
CA ALA D 57 7.71 -13.37 -23.53
C ALA D 57 8.93 -12.80 -24.23
N GLY D 58 9.42 -11.67 -23.73
CA GLY D 58 10.57 -10.99 -24.32
C GLY D 58 10.17 -9.94 -25.34
N ASP D 59 8.92 -10.00 -25.79
CA ASP D 59 8.40 -9.04 -26.77
C ASP D 59 8.22 -7.66 -26.13
N VAL D 60 8.62 -6.63 -26.85
CA VAL D 60 8.54 -5.26 -26.36
C VAL D 60 7.23 -4.63 -26.83
N ILE D 61 6.43 -4.18 -25.87
CA ILE D 61 5.12 -3.59 -26.15
C ILE D 61 5.12 -2.09 -25.87
N GLU D 62 4.64 -1.32 -26.85
CA GLU D 62 4.46 0.11 -26.67
C GLU D 62 3.17 0.38 -25.89
N VAL D 63 3.31 1.04 -24.74
CA VAL D 63 2.17 1.37 -23.90
C VAL D 63 1.49 2.62 -24.43
N MET D 64 0.20 2.51 -24.71
CA MET D 64 -0.58 3.61 -25.28
C MET D 64 -1.43 4.31 -24.23
N ASP D 65 -2.15 3.52 -23.44
CA ASP D 65 -3.00 4.04 -22.38
C ASP D 65 -2.85 3.17 -21.14
N ALA D 66 -2.50 3.79 -20.02
CA ALA D 66 -2.42 3.09 -18.74
C ALA D 66 -3.16 3.89 -17.68
N THR D 67 -4.39 4.28 -18.01
CA THR D 67 -5.26 5.02 -17.11
C THR D 67 -5.80 4.09 -16.03
N ASN D 68 -6.13 2.86 -16.42
CA ASN D 68 -6.58 1.83 -15.49
C ASN D 68 -5.39 1.08 -14.90
N ARG D 69 -5.58 0.53 -13.70
CA ARG D 69 -4.49 -0.19 -13.02
C ARG D 69 -4.30 -1.60 -13.57
N GLU D 70 -5.41 -2.35 -13.71
CA GLU D 70 -5.39 -3.77 -14.08
C GLU D 70 -5.02 -4.03 -15.54
N TRP D 71 -5.66 -3.30 -16.45
CA TRP D 71 -5.46 -3.48 -17.89
C TRP D 71 -4.92 -2.21 -18.55
N TRP D 72 -3.96 -2.37 -19.46
CA TRP D 72 -3.46 -1.26 -20.26
C TRP D 72 -3.71 -1.51 -21.74
N TRP D 73 -3.72 -0.44 -22.53
CA TRP D 73 -3.81 -0.55 -23.98
C TRP D 73 -2.42 -0.47 -24.59
N GLY D 74 -2.05 -1.50 -25.34
CA GLY D 74 -0.74 -1.54 -25.98
C GLY D 74 -0.81 -1.76 -27.48
N ARG D 75 0.35 -1.74 -28.13
CA ARG D 75 0.44 -2.00 -29.55
C ARG D 75 1.75 -2.68 -29.90
N VAL D 76 1.70 -3.51 -30.93
CA VAL D 76 2.89 -4.10 -31.54
C VAL D 76 2.90 -3.75 -33.04
N ALA D 77 3.95 -4.18 -33.74
CA ALA D 77 4.04 -3.98 -35.17
C ALA D 77 2.87 -4.65 -35.91
N ASP D 78 2.25 -5.62 -35.24
CA ASP D 78 1.14 -6.38 -35.81
C ASP D 78 -0.19 -5.65 -35.61
N GLY D 79 -0.60 -5.49 -34.34
CA GLY D 79 -1.86 -4.83 -34.00
C GLY D 79 -1.89 -4.25 -32.61
N GLU D 80 -3.10 -4.00 -32.10
CA GLU D 80 -3.28 -3.38 -30.79
C GLU D 80 -4.47 -3.98 -30.01
N GLY D 81 -4.53 -3.67 -28.71
CA GLY D 81 -5.62 -4.15 -27.86
C GLY D 81 -5.28 -4.11 -26.38
N TRP D 82 -6.23 -4.57 -25.55
CA TRP D 82 -6.05 -4.60 -24.10
C TRP D 82 -5.14 -5.75 -23.67
N PHE D 83 -4.49 -5.58 -22.52
CA PHE D 83 -3.67 -6.63 -21.90
C PHE D 83 -3.43 -6.32 -20.42
N PRO D 84 -3.32 -7.36 -19.57
CA PRO D 84 -3.13 -7.13 -18.15
C PRO D 84 -1.72 -6.64 -17.85
N ALA D 85 -1.62 -5.61 -17.01
CA ALA D 85 -0.34 -5.01 -16.64
C ALA D 85 0.63 -6.04 -16.07
N SER D 86 0.11 -6.93 -15.22
CA SER D 86 0.88 -7.96 -14.52
C SER D 86 1.93 -8.59 -15.42
N PHE D 87 1.55 -8.82 -16.67
CA PHE D 87 2.36 -9.55 -17.64
C PHE D 87 3.62 -8.82 -18.08
N VAL D 88 3.69 -7.53 -17.78
CA VAL D 88 4.67 -6.67 -18.43
C VAL D 88 5.52 -5.82 -17.46
N ARG D 89 6.80 -5.63 -17.81
CA ARG D 89 7.72 -4.79 -17.06
C ARG D 89 8.10 -3.59 -17.91
N LEU D 90 7.70 -2.39 -17.49
CA LEU D 90 7.92 -1.20 -18.30
C LEU D 90 9.27 -0.55 -18.05
N ARG D 91 9.89 -0.09 -19.13
CA ARG D 91 11.16 0.63 -19.08
C ARG D 91 10.91 2.13 -19.19
N VAL D 92 11.30 2.87 -18.15
CA VAL D 92 11.05 4.30 -18.04
C VAL D 92 12.05 5.19 -18.79
N ASN D 93 13.26 4.69 -19.01
CA ASN D 93 14.32 5.43 -19.69
C ASN D 93 14.22 5.33 -21.21
N GLN D 94 15.31 5.69 -21.90
CA GLN D 94 15.42 5.58 -23.36
C GLN D 94 15.32 4.14 -23.88
N ASP D 95 15.25 4.00 -25.20
CA ASP D 95 15.05 2.71 -25.88
C ASP D 95 15.95 1.57 -25.36
#